data_5KXD
#
_entry.id   5KXD
#
_cell.length_a   79.096
_cell.length_b   104.271
_cell.length_c   148.739
_cell.angle_alpha   90.000
_cell.angle_beta   90.000
_cell.angle_gamma   90.000
#
_symmetry.space_group_name_H-M   'P 21 21 21'
#
loop_
_entity.id
_entity.type
_entity.pdbx_description
1 polymer 'Wisteria floribunda agglutinin'
2 branched alpha-L-fucopyranose-(1-3)-2-acetamido-2-deoxy-beta-D-glucopyranose
3 branched beta-D-xylopyranose-(1-2)-[alpha-D-mannopyranose-(1-3)][alpha-D-mannopyranose-(1-6)]beta-D-mannopyranose-(1-4)-2-acetamido-2-deoxy-beta-D-glucopyranose-(1-4)-[alpha-L-fucopyranose-(1-3)]2-acetamido-2-deoxy-beta-D-glucopyranose
4 non-polymer 'CALCIUM ION'
5 non-polymer 'MANGANESE (II) ION'
6 non-polymer 'ACETATE ION'
7 non-polymer ~{N}-[(2~{S},3~{R},4~{R},5~{R},6~{R})-2-[(2~{R},3~{S},4~{R},5~{R},6~{S})-5-acetamido-2-(hydroxymethyl)-6-(4-nitrophenoxy)-4-oxidanyl-oxan-3-yl]oxy-6-(hydroxymethyl)-4,5-bis(oxidanyl)oxan-3-yl]ethanamide
8 non-polymer 2-acetamido-2-deoxy-beta-D-glucopyranose
9 water water
#
_entity_poly.entity_id   1
_entity_poly.type   'polypeptide(L)'
_entity_poly.pdbx_seq_one_letter_code
;KETTSFVFTRFSPDPQNLLLQGDTVVTSSGHLQLTQVKDGEPVYSSLGRALYYAPIHIWDSNTDTVANFVTSFSFVIDAP
NKAKAADGLAFFLAPVDTEPQKPGGLLGLFHDDRHNKSNHIVAVEFDTFKNSWDPEGTHIGINVNSIVSRKTISWDLENN
EVANVVISYQASTKTLTASLVYPSSSTSYILNDVVDLKQILPEYVRVGFTAASGLSKDHVETHDVLAWTFDSDLPDPSSD
DCN
;
_entity_poly.pdbx_strand_id   A,B,C,D
#
loop_
_chem_comp.id
_chem_comp.type
_chem_comp.name
_chem_comp.formula
6Y2 non-polymer ~{N}-[(2~{S},3~{R},4~{R},5~{R},6~{R})-2-[(2~{R},3~{S},4~{R},5~{R},6~{S})-5-acetamido-2-(hydroxymethyl)-6-(4-nitrophenoxy)-4-oxidanyl-oxan-3-yl]oxy-6-(hydroxymethyl)-4,5-bis(oxidanyl)oxan-3-yl]ethanamide 'C22 H31 N3 O13'
ACT non-polymer 'ACETATE ION' 'C2 H3 O2 -1'
BMA D-saccharide, beta linking beta-D-mannopyranose 'C6 H12 O6'
CA non-polymer 'CALCIUM ION' 'Ca 2'
FUC L-saccharide, alpha linking alpha-L-fucopyranose 'C6 H12 O5'
MAN D-saccharide, alpha linking alpha-D-mannopyranose 'C6 H12 O6'
MN non-polymer 'MANGANESE (II) ION' 'Mn 2'
NAG D-saccharide, beta linking 2-acetamido-2-deoxy-beta-D-glucopyranose 'C8 H15 N O6'
XYP D-saccharide, beta linking beta-D-xylopyranose 'C5 H10 O5'
#
# COMPACT_ATOMS: atom_id res chain seq x y z
N LYS A 1 -5.02 13.67 -7.55
CA LYS A 1 -4.13 12.48 -7.53
C LYS A 1 -4.91 11.24 -7.97
N GLU A 2 -4.30 10.40 -8.79
CA GLU A 2 -4.91 9.14 -9.27
C GLU A 2 -3.90 8.00 -9.20
N THR A 3 -4.33 6.86 -8.67
CA THR A 3 -3.49 5.67 -8.64
C THR A 3 -4.29 4.47 -9.17
N THR A 4 -3.54 3.52 -9.73
CA THR A 4 -4.07 2.24 -10.20
C THR A 4 -3.09 1.18 -9.76
N SER A 5 -3.62 0.05 -9.32
CA SER A 5 -2.79 -1.00 -8.81
C SER A 5 -3.48 -2.35 -9.01
N PHE A 6 -2.66 -3.37 -9.30
CA PHE A 6 -3.15 -4.74 -9.33
C PHE A 6 -2.05 -5.75 -9.08
N VAL A 7 -2.47 -6.92 -8.59
CA VAL A 7 -1.58 -8.03 -8.31
C VAL A 7 -2.24 -9.32 -8.83
N PHE A 8 -1.45 -10.14 -9.52
CA PHE A 8 -1.78 -11.53 -9.81
C PHE A 8 -0.58 -12.34 -9.35
N THR A 9 -0.74 -13.22 -8.37
CA THR A 9 0.36 -14.16 -8.05
C THR A 9 0.21 -15.43 -8.88
N ARG A 10 -0.94 -15.58 -9.51
CA ARG A 10 -1.17 -16.58 -10.55
C ARG A 10 -2.42 -16.13 -11.32
N PHE A 11 -2.72 -16.81 -12.41
CA PHE A 11 -3.83 -16.41 -13.26
C PHE A 11 -4.95 -17.46 -13.26
N SER A 12 -6.18 -16.97 -13.25
CA SER A 12 -7.36 -17.84 -13.24
C SER A 12 -7.86 -18.02 -14.66
N PRO A 13 -8.57 -19.13 -14.93
CA PRO A 13 -9.16 -19.34 -16.28
C PRO A 13 -10.18 -18.25 -16.57
N ASP A 14 -10.38 -17.87 -17.80
CA ASP A 14 -11.27 -16.75 -18.13
C ASP A 14 -11.06 -15.47 -17.27
N PRO A 15 -9.86 -14.88 -17.37
CA PRO A 15 -9.59 -13.65 -16.62
C PRO A 15 -10.27 -12.45 -17.29
N GLN A 16 -11.45 -12.10 -16.81
CA GLN A 16 -12.24 -11.01 -17.43
C GLN A 16 -11.67 -9.61 -17.23
N ASN A 17 -10.71 -9.43 -16.33
CA ASN A 17 -10.00 -8.16 -16.21
C ASN A 17 -8.69 -8.11 -17.03
N LEU A 18 -8.46 -9.13 -17.86
CA LEU A 18 -7.42 -9.09 -18.86
C LEU A 18 -8.01 -9.17 -20.25
N LEU A 19 -7.43 -8.41 -21.16
CA LEU A 19 -7.77 -8.49 -22.57
C LEU A 19 -6.74 -9.41 -23.24
N LEU A 20 -7.16 -10.63 -23.60
CA LEU A 20 -6.26 -11.59 -24.25
C LEU A 20 -6.35 -11.44 -25.75
N GLN A 21 -5.22 -11.33 -26.43
CA GLN A 21 -5.18 -11.11 -27.88
C GLN A 21 -4.31 -12.19 -28.52
N GLY A 22 -4.64 -12.53 -29.76
CA GLY A 22 -3.94 -13.58 -30.50
C GLY A 22 -4.07 -14.94 -29.83
N ASP A 23 -2.96 -15.63 -29.66
CA ASP A 23 -2.96 -17.03 -29.21
C ASP A 23 -3.00 -17.25 -27.69
N THR A 24 -3.00 -16.18 -26.89
CA THR A 24 -2.86 -16.32 -25.45
C THR A 24 -3.94 -17.15 -24.79
N VAL A 25 -3.54 -18.07 -23.91
CA VAL A 25 -4.48 -18.79 -23.04
C VAL A 25 -3.95 -18.79 -21.62
N VAL A 26 -4.82 -19.08 -20.67
CA VAL A 26 -4.40 -19.33 -19.31
C VAL A 26 -4.34 -20.85 -19.10
N THR A 27 -3.24 -21.33 -18.56
CA THR A 27 -3.07 -22.77 -18.39
C THR A 27 -3.70 -23.25 -17.09
N SER A 28 -3.83 -24.57 -16.96
CA SER A 28 -4.34 -25.17 -15.74
C SER A 28 -3.40 -24.95 -14.55
N SER A 29 -2.10 -24.75 -14.80
CA SER A 29 -1.16 -24.40 -13.74
C SER A 29 -1.17 -22.90 -13.37
N GLY A 30 -2.06 -22.10 -13.97
CA GLY A 30 -2.21 -20.70 -13.62
C GLY A 30 -1.24 -19.74 -14.30
N HIS A 31 -0.69 -20.13 -15.46
CA HIS A 31 0.23 -19.30 -16.20
C HIS A 31 -0.46 -18.64 -17.36
N LEU A 32 0.03 -17.47 -17.71
CA LEU A 32 -0.36 -16.79 -18.92
C LEU A 32 0.53 -17.30 -20.05
N GLN A 33 -0.01 -18.17 -20.89
CA GLN A 33 0.77 -18.81 -21.95
C GLN A 33 0.58 -18.00 -23.23
N LEU A 34 1.55 -17.14 -23.54
CA LEU A 34 1.36 -16.15 -24.60
C LEU A 34 1.45 -16.77 -25.99
N THR A 35 2.34 -17.73 -26.17
CA THR A 35 2.47 -18.40 -27.47
C THR A 35 2.06 -19.87 -27.35
N GLN A 36 1.54 -20.37 -28.45
CA GLN A 36 0.82 -21.63 -28.48
C GLN A 36 1.74 -22.82 -28.18
N VAL A 37 1.16 -23.80 -27.47
CA VAL A 37 1.83 -25.05 -27.15
C VAL A 37 0.89 -26.16 -27.59
N LYS A 38 1.45 -27.19 -28.22
CA LYS A 38 0.68 -28.31 -28.76
C LYS A 38 1.41 -29.60 -28.42
N ASP A 39 0.74 -30.45 -27.64
CA ASP A 39 1.31 -31.74 -27.18
C ASP A 39 2.64 -31.53 -26.45
N GLY A 40 2.69 -30.53 -25.58
CA GLY A 40 3.91 -30.17 -24.86
C GLY A 40 5.03 -29.47 -25.62
N GLU A 41 4.82 -29.16 -26.91
CA GLU A 41 5.86 -28.55 -27.76
C GLU A 41 5.43 -27.16 -28.22
N PRO A 42 6.37 -26.18 -28.23
CA PRO A 42 6.00 -24.85 -28.73
C PRO A 42 5.71 -24.86 -30.21
N VAL A 43 4.72 -24.06 -30.63
CA VAL A 43 4.32 -23.97 -32.03
C VAL A 43 4.95 -22.72 -32.64
N TYR A 44 5.40 -22.85 -33.88
CA TYR A 44 6.05 -21.74 -34.57
C TYR A 44 5.02 -20.75 -35.09
N SER A 45 5.50 -19.57 -35.43
CA SER A 45 4.68 -18.49 -35.99
C SER A 45 3.43 -18.17 -35.11
N SER A 46 3.63 -18.17 -33.80
CA SER A 46 2.56 -17.90 -32.86
C SER A 46 2.80 -16.52 -32.23
N LEU A 47 1.71 -15.82 -31.95
CA LEU A 47 1.75 -14.49 -31.38
C LEU A 47 0.62 -14.36 -30.37
N GLY A 48 0.94 -13.93 -29.14
CA GLY A 48 -0.07 -13.65 -28.14
C GLY A 48 0.25 -12.44 -27.29
N ARG A 49 -0.80 -11.74 -26.89
CA ARG A 49 -0.68 -10.59 -26.02
C ARG A 49 -1.71 -10.69 -24.89
N ALA A 50 -1.47 -9.93 -23.83
CA ALA A 50 -2.38 -9.83 -22.70
C ALA A 50 -2.25 -8.45 -22.08
N LEU A 51 -3.36 -7.73 -22.00
CA LEU A 51 -3.38 -6.38 -21.47
C LEU A 51 -4.29 -6.31 -20.26
N TYR A 52 -3.94 -5.51 -19.26
CA TYR A 52 -4.90 -5.20 -18.20
C TYR A 52 -6.08 -4.43 -18.82
N TYR A 53 -7.29 -4.78 -18.39
CA TYR A 53 -8.51 -4.24 -19.01
C TYR A 53 -8.66 -2.72 -18.85
N ALA A 54 -8.37 -2.21 -17.65
CA ALA A 54 -8.53 -0.78 -17.40
C ALA A 54 -7.41 0.05 -18.01
N PRO A 55 -7.75 1.13 -18.71
CA PRO A 55 -6.74 2.10 -19.08
C PRO A 55 -6.04 2.69 -17.85
N ILE A 56 -4.76 3.02 -18.02
CA ILE A 56 -3.94 3.61 -16.97
C ILE A 56 -3.75 5.07 -17.35
N HIS A 57 -3.95 5.95 -16.37
CA HIS A 57 -3.77 7.38 -16.56
C HIS A 57 -2.29 7.71 -16.33
N ILE A 58 -1.56 7.91 -17.40
CA ILE A 58 -0.10 8.06 -17.30
C ILE A 58 0.40 9.48 -17.33
N TRP A 59 -0.37 10.39 -17.94
CA TRP A 59 -0.14 11.82 -17.79
C TRP A 59 -1.43 12.59 -17.99
N ASP A 60 -1.43 13.83 -17.52
CA ASP A 60 -2.65 14.64 -17.50
C ASP A 60 -2.34 16.05 -17.99
N SER A 61 -2.90 16.42 -19.14
CA SER A 61 -2.71 17.74 -19.73
C SER A 61 -3.39 18.86 -18.91
N ASN A 62 -4.44 18.53 -18.18
CA ASN A 62 -5.14 19.50 -17.33
C ASN A 62 -4.31 20.03 -16.16
N THR A 63 -3.53 19.17 -15.54
CA THR A 63 -2.69 19.52 -14.38
C THR A 63 -1.19 19.53 -14.67
N ASP A 64 -0.81 19.23 -15.91
CA ASP A 64 0.59 19.12 -16.32
C ASP A 64 1.42 18.16 -15.43
N THR A 65 0.83 17.02 -15.09
CA THR A 65 1.51 16.02 -14.29
C THR A 65 1.78 14.77 -15.12
N VAL A 66 2.77 13.99 -14.69
CA VAL A 66 3.15 12.73 -15.32
C VAL A 66 3.27 11.68 -14.22
N ALA A 67 2.79 10.48 -14.50
CA ALA A 67 2.79 9.40 -13.51
C ALA A 67 4.14 8.74 -13.32
N ASN A 68 4.40 8.24 -12.11
CA ASN A 68 5.40 7.22 -11.87
C ASN A 68 4.69 5.88 -12.00
N PHE A 69 5.44 4.83 -12.35
CA PHE A 69 4.89 3.49 -12.27
C PHE A 69 6.00 2.49 -11.96
N VAL A 70 5.57 1.35 -11.44
CA VAL A 70 6.46 0.23 -11.24
C VAL A 70 5.67 -1.05 -11.52
N THR A 71 6.26 -1.95 -12.29
CA THR A 71 5.67 -3.24 -12.55
C THR A 71 6.68 -4.32 -12.25
N SER A 72 6.20 -5.44 -11.71
CA SER A 72 7.05 -6.61 -11.51
C SER A 72 6.36 -7.80 -12.15
N PHE A 73 7.15 -8.70 -12.70
CA PHE A 73 6.60 -9.94 -13.20
C PHE A 73 7.63 -11.03 -13.25
N SER A 74 7.13 -12.25 -13.30
CA SER A 74 7.97 -13.43 -13.45
C SER A 74 7.58 -14.09 -14.76
N PHE A 75 8.59 -14.51 -15.54
CA PHE A 75 8.35 -15.21 -16.78
C PHE A 75 9.34 -16.34 -16.99
N VAL A 76 8.94 -17.26 -17.85
CA VAL A 76 9.77 -18.39 -18.26
C VAL A 76 9.73 -18.50 -19.77
N ILE A 77 10.91 -18.65 -20.39
CA ILE A 77 11.05 -19.01 -21.79
C ILE A 77 11.74 -20.37 -21.83
N ASP A 78 11.12 -21.31 -22.55
CA ASP A 78 11.67 -22.66 -22.72
C ASP A 78 11.83 -22.95 -24.22
N ALA A 79 13.07 -22.99 -24.66
CA ALA A 79 13.44 -23.27 -26.04
C ALA A 79 14.02 -24.69 -26.09
N PRO A 80 13.40 -25.60 -26.87
CA PRO A 80 13.97 -26.97 -27.04
C PRO A 80 15.41 -26.97 -27.55
N ASN A 81 15.73 -26.03 -28.42
CA ASN A 81 17.11 -25.81 -28.85
C ASN A 81 17.45 -24.34 -28.62
N LYS A 82 18.25 -24.09 -27.59
CA LYS A 82 18.57 -22.73 -27.17
C LYS A 82 19.28 -21.91 -28.25
N ALA A 83 20.10 -22.57 -29.08
CA ALA A 83 20.77 -21.90 -30.17
C ALA A 83 19.79 -21.38 -31.23
N LYS A 84 18.62 -21.99 -31.34
CA LYS A 84 17.58 -21.57 -32.27
C LYS A 84 16.36 -20.92 -31.59
N ALA A 85 16.60 -20.20 -30.49
CA ALA A 85 15.53 -19.53 -29.78
C ALA A 85 14.97 -18.40 -30.67
N ALA A 86 13.65 -18.22 -30.68
CA ALA A 86 13.03 -17.04 -31.31
C ALA A 86 11.58 -16.91 -30.86
N ASP A 87 10.99 -15.71 -30.81
CA ASP A 87 11.60 -14.40 -31.00
C ASP A 87 11.72 -13.55 -29.73
N GLY A 88 10.87 -13.79 -28.74
CA GLY A 88 11.00 -13.15 -27.44
C GLY A 88 9.69 -12.63 -26.88
N LEU A 89 9.83 -11.85 -25.81
CA LEU A 89 8.72 -11.37 -25.01
C LEU A 89 8.97 -9.89 -24.70
N ALA A 90 7.91 -9.11 -24.59
CA ALA A 90 8.02 -7.72 -24.18
C ALA A 90 6.92 -7.31 -23.23
N PHE A 91 7.27 -6.39 -22.33
CA PHE A 91 6.29 -5.64 -21.57
C PHE A 91 6.13 -4.32 -22.29
N PHE A 92 4.89 -3.84 -22.41
CA PHE A 92 4.67 -2.59 -23.16
C PHE A 92 3.52 -1.76 -22.68
N LEU A 93 3.58 -0.49 -23.05
CA LEU A 93 2.51 0.49 -22.89
C LEU A 93 2.15 0.96 -24.31
N ALA A 94 0.86 1.09 -24.57
CA ALA A 94 0.36 1.43 -25.91
C ALA A 94 -0.98 2.13 -25.83
N PRO A 95 -1.47 2.68 -26.96
CA PRO A 95 -2.82 3.26 -26.89
C PRO A 95 -3.88 2.26 -26.46
N VAL A 96 -4.95 2.78 -25.86
CA VAL A 96 -6.00 1.93 -25.31
C VAL A 96 -6.58 0.93 -26.30
N ASP A 97 -6.69 1.33 -27.57
CA ASP A 97 -7.23 0.47 -28.63
C ASP A 97 -6.19 -0.41 -29.34
N THR A 98 -5.00 -0.56 -28.75
CA THR A 98 -3.93 -1.34 -29.35
C THR A 98 -4.37 -2.76 -29.72
N GLU A 99 -3.95 -3.19 -30.91
CA GLU A 99 -4.21 -4.51 -31.46
C GLU A 99 -2.89 -5.15 -31.87
N PRO A 100 -2.81 -6.50 -31.90
CA PRO A 100 -1.56 -7.17 -32.29
C PRO A 100 -1.15 -6.81 -33.71
N GLN A 101 0.14 -6.57 -33.89
CA GLN A 101 0.70 -6.21 -35.19
C GLN A 101 1.43 -7.44 -35.75
N LYS A 102 2.57 -7.26 -36.42
CA LYS A 102 3.24 -8.37 -37.09
C LYS A 102 3.91 -9.35 -36.13
N PRO A 103 3.94 -10.65 -36.48
CA PRO A 103 4.57 -11.67 -35.67
C PRO A 103 6.11 -11.71 -35.82
N GLY A 104 6.73 -12.77 -35.32
CA GLY A 104 8.15 -12.93 -35.44
C GLY A 104 8.94 -11.86 -34.71
N GLY A 105 9.95 -11.33 -35.36
CA GLY A 105 10.89 -10.40 -34.76
C GLY A 105 10.30 -9.03 -34.45
N LEU A 106 9.12 -8.74 -34.98
CA LEU A 106 8.41 -7.51 -34.63
C LEU A 106 7.56 -7.67 -33.35
N LEU A 107 7.51 -8.88 -32.80
CA LEU A 107 7.03 -9.17 -31.45
C LEU A 107 5.57 -8.87 -31.20
N GLY A 108 4.79 -8.76 -32.28
CA GLY A 108 3.40 -8.32 -32.17
C GLY A 108 3.20 -6.85 -31.86
N LEU A 109 4.27 -6.07 -31.86
CA LEU A 109 4.23 -4.67 -31.44
C LEU A 109 4.18 -3.68 -32.60
N PHE A 110 4.88 -4.01 -33.68
CA PHE A 110 5.07 -3.08 -34.80
C PHE A 110 4.66 -3.71 -36.12
N HIS A 111 4.27 -2.86 -37.05
CA HIS A 111 3.85 -3.25 -38.40
C HIS A 111 5.07 -3.39 -39.36
N ASP A 112 6.16 -2.69 -39.05
CA ASP A 112 7.39 -2.75 -39.84
C ASP A 112 8.59 -2.43 -38.92
N ASP A 113 9.78 -2.37 -39.51
CA ASP A 113 11.01 -2.12 -38.73
C ASP A 113 11.44 -0.65 -38.66
N ARG A 114 10.55 0.26 -39.00
CA ARG A 114 10.87 1.68 -39.02
C ARG A 114 10.47 2.37 -37.71
N HIS A 115 10.94 3.58 -37.53
CA HIS A 115 10.59 4.42 -36.41
C HIS A 115 9.37 5.18 -36.93
N ASN A 116 8.33 5.23 -36.10
CA ASN A 116 7.15 6.02 -36.40
C ASN A 116 6.52 6.55 -35.10
N LYS A 117 6.51 7.88 -34.95
CA LYS A 117 5.91 8.57 -33.78
C LYS A 117 4.44 8.21 -33.51
N SER A 118 3.71 7.86 -34.57
CA SER A 118 2.33 7.46 -34.43
C SER A 118 2.11 6.07 -33.85
N ASN A 119 3.19 5.28 -33.67
CA ASN A 119 3.07 4.01 -32.95
C ASN A 119 2.62 4.23 -31.49
N HIS A 120 3.12 5.27 -30.85
CA HIS A 120 2.88 5.53 -29.44
C HIS A 120 3.14 4.30 -28.56
N ILE A 121 4.31 3.68 -28.72
CA ILE A 121 4.67 2.46 -27.97
C ILE A 121 5.95 2.70 -27.18
N VAL A 122 5.93 2.33 -25.90
CA VAL A 122 7.14 2.15 -25.10
C VAL A 122 7.14 0.69 -24.66
N ALA A 123 8.28 0.03 -24.83
CA ALA A 123 8.40 -1.38 -24.49
C ALA A 123 9.76 -1.73 -23.96
N VAL A 124 9.79 -2.77 -23.13
CA VAL A 124 11.01 -3.40 -22.71
C VAL A 124 10.97 -4.81 -23.26
N GLU A 125 11.91 -5.14 -24.12
CA GLU A 125 11.95 -6.43 -24.83
C GLU A 125 13.01 -7.36 -24.27
N PHE A 126 12.69 -8.64 -24.30
CA PHE A 126 13.56 -9.72 -23.96
C PHE A 126 13.68 -10.52 -25.25
N ASP A 127 14.73 -10.21 -26.00
CA ASP A 127 14.86 -10.55 -27.42
C ASP A 127 15.81 -11.72 -27.61
N THR A 128 15.25 -12.84 -28.06
CA THR A 128 15.99 -14.09 -28.20
C THR A 128 16.51 -14.39 -29.60
N PHE A 129 16.22 -13.54 -30.59
CA PHE A 129 16.68 -13.77 -31.96
C PHE A 129 17.27 -12.53 -32.60
N LYS A 130 18.46 -12.68 -33.18
CA LYS A 130 19.13 -11.55 -33.85
C LYS A 130 18.53 -11.30 -35.23
N ASN A 131 17.72 -10.26 -35.32
CA ASN A 131 17.24 -9.73 -36.58
C ASN A 131 18.24 -8.75 -37.16
N SER A 132 17.99 -8.28 -38.38
CA SER A 132 18.95 -7.40 -39.08
C SER A 132 19.20 -6.09 -38.33
N TRP A 133 18.20 -5.62 -37.59
CA TRP A 133 18.28 -4.40 -36.80
C TRP A 133 18.82 -4.59 -35.37
N ASP A 134 19.11 -5.81 -34.96
CA ASP A 134 19.50 -6.10 -33.59
C ASP A 134 21.02 -6.06 -33.33
N PRO A 135 21.42 -5.81 -32.07
CA PRO A 135 22.82 -6.02 -31.74
C PRO A 135 23.13 -7.53 -31.74
N GLU A 136 24.41 -7.87 -31.70
CA GLU A 136 24.83 -9.26 -31.62
C GLU A 136 24.42 -9.85 -30.26
N GLY A 137 23.87 -11.06 -30.30
CA GLY A 137 23.51 -11.81 -29.10
C GLY A 137 22.13 -11.50 -28.58
N THR A 138 21.63 -12.40 -27.75
CA THR A 138 20.36 -12.18 -27.07
C THR A 138 20.52 -10.98 -26.12
N HIS A 139 19.43 -10.21 -25.95
CA HIS A 139 19.55 -8.91 -25.29
C HIS A 139 18.22 -8.43 -24.75
N ILE A 140 18.34 -7.50 -23.79
CA ILE A 140 17.24 -6.77 -23.25
C ILE A 140 17.33 -5.37 -23.90
N GLY A 141 16.20 -4.87 -24.32
CA GLY A 141 16.11 -3.57 -24.97
C GLY A 141 15.00 -2.68 -24.45
N ILE A 142 15.28 -1.37 -24.47
CA ILE A 142 14.28 -0.35 -24.26
C ILE A 142 13.92 0.22 -25.64
N ASN A 143 12.63 0.14 -25.98
CA ASN A 143 12.12 0.48 -27.28
C ASN A 143 11.13 1.64 -27.16
N VAL A 144 11.28 2.64 -28.05
CA VAL A 144 10.38 3.77 -28.12
C VAL A 144 9.98 3.96 -29.59
N ASN A 145 8.74 3.61 -29.93
CA ASN A 145 8.20 3.82 -31.27
C ASN A 145 8.89 3.06 -32.41
N SER A 146 9.68 2.05 -32.07
CA SER A 146 10.44 1.28 -33.03
C SER A 146 10.87 -0.04 -32.43
N ILE A 147 10.96 -1.07 -33.27
CA ILE A 147 11.60 -2.34 -32.89
C ILE A 147 13.12 -2.20 -32.72
N VAL A 148 13.70 -1.11 -33.27
CA VAL A 148 15.10 -0.83 -33.17
C VAL A 148 15.30 -0.13 -31.82
N SER A 149 15.82 -0.87 -30.84
CA SER A 149 15.90 -0.36 -29.47
C SER A 149 16.74 0.91 -29.34
N ARG A 150 16.28 1.80 -28.48
CA ARG A 150 17.04 2.95 -28.03
C ARG A 150 18.32 2.56 -27.31
N LYS A 151 18.23 1.52 -26.49
CA LYS A 151 19.34 1.07 -25.68
C LYS A 151 19.17 -0.42 -25.43
N THR A 152 20.26 -1.16 -25.47
CA THR A 152 20.24 -2.61 -25.19
C THR A 152 21.39 -3.01 -24.31
N ILE A 153 21.23 -4.15 -23.64
CA ILE A 153 22.31 -4.83 -22.96
C ILE A 153 22.24 -6.30 -23.25
N SER A 154 23.37 -6.98 -23.19
CA SER A 154 23.43 -8.41 -23.37
C SER A 154 22.69 -9.13 -22.25
N TRP A 155 22.01 -10.21 -22.60
CA TRP A 155 21.26 -11.03 -21.69
C TRP A 155 21.32 -12.45 -22.16
N ASP A 156 21.77 -13.36 -21.31
CA ASP A 156 21.78 -14.79 -21.63
C ASP A 156 20.52 -15.46 -21.11
N LEU A 157 19.73 -15.99 -22.03
CA LEU A 157 18.54 -16.76 -21.66
C LEU A 157 18.95 -17.94 -20.78
N GLU A 158 18.34 -18.09 -19.61
CA GLU A 158 18.50 -19.31 -18.80
C GLU A 158 17.27 -20.14 -19.05
N ASN A 159 17.49 -21.19 -19.82
CA ASN A 159 16.41 -21.89 -20.45
C ASN A 159 15.52 -22.58 -19.43
N ASN A 160 14.22 -22.32 -19.51
CA ASN A 160 13.24 -22.85 -18.58
C ASN A 160 13.41 -22.46 -17.09
N GLU A 161 14.14 -21.38 -16.80
CA GLU A 161 14.26 -20.87 -15.43
C GLU A 161 13.39 -19.64 -15.27
N VAL A 162 12.96 -19.40 -14.04
CA VAL A 162 12.11 -18.26 -13.73
C VAL A 162 12.95 -16.98 -13.73
N ALA A 163 12.56 -16.01 -14.52
CA ALA A 163 13.16 -14.67 -14.50
C ALA A 163 12.25 -13.73 -13.75
N ASN A 164 12.80 -12.94 -12.83
CA ASN A 164 12.03 -11.94 -12.09
C ASN A 164 12.42 -10.57 -12.64
N VAL A 165 11.45 -9.87 -13.20
CA VAL A 165 11.64 -8.56 -13.82
C VAL A 165 11.00 -7.46 -12.97
N VAL A 166 11.66 -6.31 -12.89
CA VAL A 166 11.08 -5.09 -12.38
C VAL A 166 11.34 -3.98 -13.41
N ILE A 167 10.28 -3.26 -13.78
CA ILE A 167 10.38 -2.11 -14.68
C ILE A 167 9.74 -0.93 -13.97
N SER A 168 10.47 0.18 -13.88
CA SER A 168 9.96 1.36 -13.20
C SER A 168 10.24 2.65 -13.97
N TYR A 169 9.35 3.62 -13.80
CA TYR A 169 9.47 4.93 -14.42
C TYR A 169 9.42 6.02 -13.35
N GLN A 170 10.45 6.86 -13.35
CA GLN A 170 10.58 8.00 -12.46
C GLN A 170 10.36 9.26 -13.33
N ALA A 171 9.19 9.85 -13.18
CA ALA A 171 8.77 11.01 -13.97
C ALA A 171 9.68 12.21 -13.79
N SER A 172 10.16 12.43 -12.57
CA SER A 172 10.99 13.60 -12.26
C SER A 172 12.31 13.64 -13.07
N THR A 173 12.84 12.48 -13.40
CA THR A 173 14.06 12.36 -14.19
C THR A 173 13.82 11.79 -15.59
N LYS A 174 12.56 11.51 -15.92
CA LYS A 174 12.15 10.92 -17.18
C LYS A 174 12.93 9.63 -17.48
N THR A 175 13.20 8.83 -16.46
CA THR A 175 14.01 7.63 -16.67
C THR A 175 13.18 6.37 -16.46
N LEU A 176 13.32 5.47 -17.42
CA LEU A 176 12.81 4.12 -17.36
C LEU A 176 13.95 3.16 -16.99
N THR A 177 13.73 2.33 -15.98
CA THR A 177 14.70 1.34 -15.53
C THR A 177 14.10 -0.06 -15.66
N ALA A 178 14.88 -1.00 -16.14
CA ALA A 178 14.46 -2.40 -16.22
C ALA A 178 15.55 -3.30 -15.66
N SER A 179 15.17 -4.22 -14.80
CA SER A 179 16.09 -5.20 -14.25
C SER A 179 15.53 -6.60 -14.42
N LEU A 180 16.43 -7.59 -14.52
CA LEU A 180 16.04 -8.99 -14.58
C LEU A 180 16.98 -9.77 -13.69
N VAL A 181 16.41 -10.63 -12.85
CA VAL A 181 17.18 -11.49 -11.96
C VAL A 181 16.79 -12.94 -12.20
N TYR A 182 17.79 -13.82 -12.30
CA TYR A 182 17.57 -15.25 -12.22
C TYR A 182 18.06 -15.74 -10.83
N PRO A 183 17.13 -15.95 -9.89
CA PRO A 183 17.59 -16.32 -8.54
C PRO A 183 18.29 -17.69 -8.48
N SER A 184 17.92 -18.62 -9.37
CA SER A 184 18.50 -19.95 -9.43
C SER A 184 20.02 -19.91 -9.70
N SER A 185 20.50 -18.96 -10.48
CA SER A 185 21.93 -18.85 -10.79
C SER A 185 22.65 -17.63 -10.21
N SER A 186 21.92 -16.79 -9.45
CA SER A 186 22.44 -15.54 -8.92
C SER A 186 23.01 -14.64 -10.02
N THR A 187 22.29 -14.53 -11.12
CA THR A 187 22.65 -13.68 -12.24
C THR A 187 21.67 -12.53 -12.30
N SER A 188 22.14 -11.34 -12.68
CA SER A 188 21.27 -10.19 -12.75
C SER A 188 21.69 -9.20 -13.82
N TYR A 189 20.71 -8.44 -14.31
CA TYR A 189 20.88 -7.50 -15.40
C TYR A 189 20.10 -6.24 -15.11
N ILE A 190 20.60 -5.11 -15.59
CA ILE A 190 19.87 -3.84 -15.43
C ILE A 190 20.24 -2.85 -16.55
N LEU A 191 19.28 -2.04 -16.95
CA LEU A 191 19.55 -0.90 -17.82
C LEU A 191 18.54 0.18 -17.60
N ASN A 192 18.91 1.39 -18.00
CA ASN A 192 18.01 2.51 -17.87
C ASN A 192 18.26 3.52 -18.99
N ASP A 193 17.23 4.28 -19.31
CA ASP A 193 17.33 5.31 -20.34
C ASP A 193 16.28 6.39 -20.14
N VAL A 194 16.54 7.52 -20.77
CA VAL A 194 15.62 8.64 -20.78
C VAL A 194 14.50 8.38 -21.78
N VAL A 195 13.27 8.41 -21.29
CA VAL A 195 12.07 8.27 -22.13
C VAL A 195 11.05 9.27 -21.61
N ASP A 196 10.63 10.22 -22.42
CA ASP A 196 9.67 11.25 -21.97
C ASP A 196 8.24 10.78 -22.30
N LEU A 197 7.57 10.19 -21.30
CA LEU A 197 6.26 9.57 -21.56
C LEU A 197 5.21 10.52 -22.12
N LYS A 198 5.21 11.76 -21.63
CA LYS A 198 4.29 12.78 -22.12
C LYS A 198 4.42 13.02 -23.63
N GLN A 199 5.64 12.98 -24.15
CA GLN A 199 5.85 13.18 -25.60
C GLN A 199 5.56 11.95 -26.45
N ILE A 200 5.60 10.75 -25.86
CA ILE A 200 5.51 9.51 -26.62
C ILE A 200 4.09 8.93 -26.60
N LEU A 201 3.47 8.89 -25.41
CA LEU A 201 2.26 8.15 -25.20
C LEU A 201 1.06 9.07 -25.07
N PRO A 202 -0.14 8.57 -25.40
CA PRO A 202 -1.35 9.31 -25.05
C PRO A 202 -1.58 9.35 -23.54
N GLU A 203 -2.50 10.20 -23.10
CA GLU A 203 -2.77 10.39 -21.66
C GLU A 203 -3.18 9.10 -20.96
N TYR A 204 -3.95 8.27 -21.66
CA TYR A 204 -4.33 6.96 -21.19
C TYR A 204 -3.76 5.88 -22.10
N VAL A 205 -3.26 4.82 -21.47
CA VAL A 205 -2.68 3.70 -22.17
C VAL A 205 -3.21 2.38 -21.60
N ARG A 206 -3.02 1.31 -22.36
CA ARG A 206 -3.09 -0.03 -21.78
C ARG A 206 -1.70 -0.59 -21.64
N VAL A 207 -1.54 -1.44 -20.64
CA VAL A 207 -0.27 -2.07 -20.34
C VAL A 207 -0.40 -3.58 -20.37
N GLY A 208 0.70 -4.23 -20.72
CA GLY A 208 0.72 -5.67 -20.75
C GLY A 208 1.89 -6.30 -21.45
N PHE A 209 1.67 -7.52 -21.93
CA PHE A 209 2.71 -8.36 -22.46
C PHE A 209 2.41 -8.77 -23.88
N THR A 210 3.47 -9.07 -24.61
CA THR A 210 3.38 -9.64 -25.93
C THR A 210 4.54 -10.58 -26.12
N ALA A 211 4.32 -11.63 -26.91
CA ALA A 211 5.39 -12.54 -27.21
C ALA A 211 5.13 -13.24 -28.55
N ALA A 212 6.22 -13.65 -29.19
CA ALA A 212 6.15 -14.31 -30.49
C ALA A 212 7.19 -15.41 -30.60
N SER A 213 6.78 -16.56 -31.16
CA SER A 213 7.71 -17.61 -31.53
C SER A 213 8.21 -17.38 -32.97
N GLY A 214 9.26 -18.11 -33.35
CA GLY A 214 9.93 -17.87 -34.61
C GLY A 214 9.11 -18.23 -35.82
N LEU A 215 9.46 -17.63 -36.95
CA LEU A 215 8.76 -17.86 -38.22
C LEU A 215 9.30 -19.02 -39.05
N SER A 216 10.19 -19.83 -38.49
CA SER A 216 10.54 -21.13 -39.08
C SER A 216 10.34 -22.20 -38.02
N LYS A 217 10.06 -23.43 -38.46
CA LYS A 217 9.60 -24.50 -37.56
C LYS A 217 10.64 -24.95 -36.54
N ASP A 218 11.93 -24.76 -36.82
CA ASP A 218 12.97 -25.13 -35.88
C ASP A 218 13.42 -23.99 -34.95
N HIS A 219 12.82 -22.81 -35.07
CA HIS A 219 13.15 -21.66 -34.22
C HIS A 219 11.98 -21.34 -33.29
N VAL A 220 11.80 -22.15 -32.28
CA VAL A 220 10.59 -22.04 -31.44
C VAL A 220 10.93 -22.00 -29.96
N GLU A 221 10.02 -21.43 -29.19
CA GLU A 221 10.16 -21.43 -27.72
C GLU A 221 8.81 -21.07 -27.12
N THR A 222 8.61 -21.45 -25.87
CA THR A 222 7.43 -21.03 -25.10
C THR A 222 7.70 -19.67 -24.42
N HIS A 223 6.62 -18.93 -24.13
CA HIS A 223 6.72 -17.66 -23.40
C HIS A 223 5.58 -17.60 -22.39
N ASP A 224 5.88 -17.87 -21.11
CA ASP A 224 4.87 -17.91 -20.07
C ASP A 224 5.10 -16.82 -19.01
N VAL A 225 4.04 -16.10 -18.65
CA VAL A 225 4.08 -15.17 -17.50
C VAL A 225 3.42 -15.86 -16.30
N LEU A 226 4.13 -15.91 -15.18
CA LEU A 226 3.68 -16.62 -13.99
C LEU A 226 2.99 -15.71 -12.99
N ALA A 227 3.36 -14.43 -12.95
CA ALA A 227 2.88 -13.50 -11.92
C ALA A 227 3.13 -12.08 -12.40
N TRP A 228 2.35 -11.13 -11.90
CA TRP A 228 2.41 -9.75 -12.37
C TRP A 228 1.82 -8.79 -11.34
N THR A 229 2.59 -7.75 -10.99
CA THR A 229 2.06 -6.63 -10.22
C THR A 229 2.28 -5.34 -11.02
N PHE A 230 1.40 -4.38 -10.82
CA PHE A 230 1.52 -3.06 -11.43
C PHE A 230 1.00 -2.00 -10.46
N ASP A 231 1.69 -0.87 -10.38
CA ASP A 231 1.28 0.27 -9.56
C ASP A 231 1.64 1.54 -10.33
N SER A 232 0.69 2.45 -10.48
CA SER A 232 0.96 3.77 -11.06
C SER A 232 0.42 4.83 -10.14
N ASP A 233 1.05 6.01 -10.15
CA ASP A 233 0.68 7.12 -9.29
C ASP A 233 0.85 8.41 -10.10
N LEU A 234 -0.27 9.03 -10.42
CA LEU A 234 -0.30 10.33 -11.08
C LEU A 234 -0.51 11.37 -9.99
N PRO A 235 0.53 12.16 -9.67
CA PRO A 235 0.47 13.05 -8.51
C PRO A 235 -0.39 14.29 -8.74
N ASP A 236 -0.71 14.98 -7.65
CA ASP A 236 -1.29 16.32 -7.72
C ASP A 236 -0.26 17.30 -8.26
N PRO A 237 -0.71 18.38 -8.90
CA PRO A 237 0.25 19.41 -9.36
C PRO A 237 1.00 20.06 -8.17
N SER A 238 2.24 20.48 -8.43
CA SER A 238 3.14 21.19 -7.48
C SER A 238 3.78 20.26 -6.43
N LYS B 1 -3.57 -15.62 -5.61
CA LYS B 1 -4.08 -14.37 -4.95
C LYS B 1 -4.17 -13.26 -6.01
N GLU B 2 -5.24 -12.46 -5.94
CA GLU B 2 -5.43 -11.32 -6.84
C GLU B 2 -5.90 -10.11 -6.03
N THR B 3 -5.37 -8.94 -6.35
CA THR B 3 -5.87 -7.68 -5.80
C THR B 3 -6.11 -6.67 -6.93
N THR B 4 -7.04 -5.75 -6.67
CA THR B 4 -7.32 -4.61 -7.53
C THR B 4 -7.45 -3.41 -6.63
N SER B 5 -6.94 -2.28 -7.10
CA SER B 5 -6.96 -1.09 -6.30
C SER B 5 -6.97 0.15 -7.20
N PHE B 6 -7.66 1.20 -6.75
CA PHE B 6 -7.59 2.49 -7.41
C PHE B 6 -7.93 3.63 -6.48
N VAL B 7 -7.42 4.81 -6.80
CA VAL B 7 -7.65 6.03 -6.04
C VAL B 7 -7.92 7.17 -7.04
N PHE B 8 -8.96 7.95 -6.75
CA PHE B 8 -9.18 9.25 -7.37
C PHE B 8 -9.38 10.23 -6.22
N THR B 9 -8.50 11.20 -6.05
CA THR B 9 -8.77 12.26 -5.08
C THR B 9 -9.52 13.42 -5.77
N ARG B 10 -9.59 13.36 -7.09
CA ARG B 10 -10.47 14.18 -7.89
C ARG B 10 -10.56 13.53 -9.28
N PHE B 11 -11.43 14.02 -10.14
CA PHE B 11 -11.70 13.39 -11.42
C PHE B 11 -11.30 14.31 -12.59
N SER B 12 -10.78 13.69 -13.65
CA SER B 12 -10.35 14.40 -14.85
C SER B 12 -11.43 14.37 -15.90
N PRO B 13 -11.43 15.34 -16.84
CA PRO B 13 -12.39 15.29 -17.96
C PRO B 13 -12.13 14.08 -18.82
N ASP B 14 -13.15 13.51 -19.45
CA ASP B 14 -12.99 12.28 -20.25
C ASP B 14 -12.18 11.16 -19.53
N PRO B 15 -12.67 10.69 -18.38
CA PRO B 15 -11.97 9.67 -17.63
C PRO B 15 -12.13 8.29 -18.31
N GLN B 16 -11.15 7.90 -19.11
CA GLN B 16 -11.22 6.64 -19.88
C GLN B 16 -11.18 5.35 -19.08
N ASN B 17 -10.81 5.42 -17.81
CA ASN B 17 -10.93 4.25 -16.91
C ASN B 17 -12.23 4.24 -16.09
N LEU B 18 -13.16 5.14 -16.42
CA LEU B 18 -14.52 5.09 -15.92
C LEU B 18 -15.49 4.92 -17.07
N LEU B 19 -16.51 4.10 -16.84
CA LEU B 19 -17.62 3.98 -17.77
C LEU B 19 -18.75 4.91 -17.27
N LEU B 20 -18.96 6.03 -17.97
CA LEU B 20 -20.00 6.98 -17.60
C LEU B 20 -21.30 6.61 -18.32
N GLN B 21 -22.40 6.53 -17.60
CA GLN B 21 -23.69 6.15 -18.16
C GLN B 21 -24.72 7.20 -17.81
N GLY B 22 -25.72 7.35 -18.69
CA GLY B 22 -26.76 8.38 -18.54
C GLY B 22 -26.18 9.78 -18.55
N ASP B 23 -26.59 10.61 -17.59
CA ASP B 23 -26.28 12.04 -17.60
C ASP B 23 -24.95 12.45 -16.98
N THR B 24 -24.15 11.50 -16.49
CA THR B 24 -22.94 11.81 -15.74
C THR B 24 -21.93 12.65 -16.54
N VAL B 25 -21.41 13.70 -15.92
CA VAL B 25 -20.31 14.48 -16.48
C VAL B 25 -19.31 14.75 -15.36
N VAL B 26 -18.10 15.13 -15.75
CA VAL B 26 -17.09 15.59 -14.82
C VAL B 26 -17.10 17.11 -14.85
N THR B 27 -17.15 17.73 -13.68
CA THR B 27 -17.22 19.21 -13.61
C THR B 27 -15.83 19.81 -13.70
N SER B 28 -15.79 21.14 -13.89
CA SER B 28 -14.53 21.87 -13.92
C SER B 28 -13.81 21.85 -12.56
N SER B 29 -14.55 21.67 -11.47
CA SER B 29 -13.93 21.48 -10.14
C SER B 29 -13.46 20.05 -9.87
N GLY B 30 -13.57 19.15 -10.84
CA GLY B 30 -13.04 17.77 -10.74
C GLY B 30 -13.98 16.80 -10.02
N HIS B 31 -15.28 17.08 -10.02
CA HIS B 31 -16.29 16.23 -9.38
C HIS B 31 -17.02 15.41 -10.39
N LEU B 32 -17.47 14.26 -9.95
CA LEU B 32 -18.32 13.39 -10.75
C LEU B 32 -19.76 13.84 -10.50
N GLN B 33 -20.34 14.56 -11.45
CA GLN B 33 -21.69 15.09 -11.33
C GLN B 33 -22.66 14.09 -11.95
N LEU B 34 -23.31 13.29 -11.12
CA LEU B 34 -24.10 12.15 -11.62
C LEU B 34 -25.42 12.60 -12.23
N THR B 35 -26.04 13.62 -11.65
CA THR B 35 -27.30 14.14 -12.18
C THR B 35 -27.11 15.57 -12.67
N GLN B 36 -27.90 15.88 -13.68
CA GLN B 36 -27.70 17.07 -14.51
C GLN B 36 -27.93 18.36 -13.73
N VAL B 37 -27.13 19.37 -14.06
CA VAL B 37 -27.25 20.71 -13.49
C VAL B 37 -27.30 21.69 -14.65
N LYS B 38 -28.15 22.69 -14.55
CA LYS B 38 -28.39 23.68 -15.60
C LYS B 38 -28.49 25.06 -14.97
N ASP B 39 -27.55 25.94 -15.30
CA ASP B 39 -27.49 27.30 -14.75
C ASP B 39 -27.42 27.29 -13.23
N GLY B 40 -26.58 26.41 -12.70
CA GLY B 40 -26.44 26.22 -11.24
C GLY B 40 -27.57 25.52 -10.49
N GLU B 41 -28.61 25.05 -11.20
CA GLU B 41 -29.78 24.42 -10.58
C GLU B 41 -29.91 22.96 -10.99
N PRO B 42 -30.25 22.06 -10.05
CA PRO B 42 -30.44 20.65 -10.44
C PRO B 42 -31.65 20.46 -11.35
N VAL B 43 -31.52 19.55 -12.31
CA VAL B 43 -32.57 19.27 -13.28
C VAL B 43 -33.30 18.00 -12.83
N TYR B 44 -34.62 18.00 -13.00
CA TYR B 44 -35.44 16.87 -12.60
C TYR B 44 -35.36 15.75 -13.59
N SER B 45 -35.81 14.57 -13.17
CA SER B 45 -35.85 13.39 -14.02
C SER B 45 -34.49 13.04 -14.68
N SER B 46 -33.41 13.24 -13.93
CA SER B 46 -32.06 12.99 -14.41
C SER B 46 -31.52 11.71 -13.73
N LEU B 47 -30.74 10.95 -14.47
CA LEU B 47 -30.15 9.71 -13.99
C LEU B 47 -28.75 9.59 -14.54
N GLY B 48 -27.78 9.36 -13.67
CA GLY B 48 -26.39 9.11 -14.09
C GLY B 48 -25.70 8.06 -13.27
N ARG B 49 -24.82 7.30 -13.93
CA ARG B 49 -24.01 6.30 -13.27
C ARG B 49 -22.55 6.43 -13.71
N ALA B 50 -21.66 5.83 -12.93
CA ALA B 50 -20.24 5.80 -13.21
C ALA B 50 -19.64 4.56 -12.63
N LEU B 51 -19.02 3.75 -13.48
CA LEU B 51 -18.45 2.48 -13.09
C LEU B 51 -16.95 2.48 -13.36
N TYR B 52 -16.17 1.83 -12.51
CA TYR B 52 -14.77 1.58 -12.85
C TYR B 52 -14.74 0.63 -14.05
N TYR B 53 -13.84 0.92 -15.00
CA TYR B 53 -13.85 0.21 -16.29
C TYR B 53 -13.50 -1.28 -16.15
N ALA B 54 -12.52 -1.61 -15.32
CA ALA B 54 -12.13 -3.00 -15.17
C ALA B 54 -13.12 -3.78 -14.31
N PRO B 55 -13.50 -4.99 -14.78
CA PRO B 55 -14.18 -5.91 -13.89
C PRO B 55 -13.35 -6.25 -12.65
N ILE B 56 -14.04 -6.46 -11.52
CA ILE B 56 -13.42 -6.82 -10.27
C ILE B 56 -13.72 -8.29 -10.04
N HIS B 57 -12.70 -9.05 -9.68
CA HIS B 57 -12.84 -10.45 -9.39
C HIS B 57 -13.25 -10.61 -7.93
N ILE B 58 -14.53 -10.88 -7.71
CA ILE B 58 -15.11 -10.84 -6.36
C ILE B 58 -15.21 -12.24 -5.72
N TRP B 59 -15.33 -13.28 -6.54
CA TRP B 59 -15.16 -14.65 -6.08
C TRP B 59 -14.74 -15.56 -7.22
N ASP B 60 -14.19 -16.72 -6.87
CA ASP B 60 -13.59 -17.64 -7.83
C ASP B 60 -14.11 -19.06 -7.61
N SER B 61 -14.86 -19.58 -8.57
CA SER B 61 -15.41 -20.95 -8.48
C SER B 61 -14.34 -22.04 -8.55
N ASN B 62 -13.22 -21.74 -9.20
CA ASN B 62 -12.10 -22.68 -9.33
C ASN B 62 -11.43 -23.02 -8.00
N THR B 63 -11.27 -22.01 -7.14
CA THR B 63 -10.59 -22.17 -5.85
C THR B 63 -11.54 -22.06 -4.64
N ASP B 64 -12.83 -21.84 -4.89
CA ASP B 64 -13.83 -21.58 -3.87
C ASP B 64 -13.44 -20.47 -2.87
N THR B 65 -12.89 -19.37 -3.39
CA THR B 65 -12.50 -18.23 -2.56
C THR B 65 -13.41 -17.04 -2.84
N VAL B 66 -13.50 -16.14 -1.86
CA VAL B 66 -14.32 -14.95 -1.95
C VAL B 66 -13.49 -13.75 -1.53
N ALA B 67 -13.63 -12.65 -2.25
CA ALA B 67 -12.82 -11.46 -1.99
C ALA B 67 -13.33 -10.64 -0.81
N ASN B 68 -12.41 -9.96 -0.12
CA ASN B 68 -12.72 -8.83 0.72
C ASN B 68 -12.65 -7.59 -0.15
N PHE B 69 -13.37 -6.55 0.22
CA PHE B 69 -13.14 -5.24 -0.38
C PHE B 69 -13.42 -4.14 0.59
N VAL B 70 -12.85 -2.97 0.31
CA VAL B 70 -13.17 -1.76 1.03
C VAL B 70 -13.15 -0.61 0.04
N THR B 71 -14.18 0.22 0.09
CA THR B 71 -14.26 1.40 -0.75
C THR B 71 -14.54 2.61 0.12
N SER B 72 -13.95 3.75 -0.23
CA SER B 72 -14.25 4.99 0.43
C SER B 72 -14.59 6.01 -0.62
N PHE B 73 -15.50 6.91 -0.29
CA PHE B 73 -15.81 8.02 -1.17
C PHE B 73 -16.38 9.18 -0.41
N SER B 74 -16.28 10.34 -1.04
CA SER B 74 -16.89 11.56 -0.55
C SER B 74 -17.96 11.99 -1.53
N PHE B 75 -19.12 12.41 -1.04
CA PHE B 75 -20.18 12.92 -1.87
C PHE B 75 -20.89 14.09 -1.24
N VAL B 76 -21.57 14.86 -2.09
CA VAL B 76 -22.39 15.99 -1.69
C VAL B 76 -23.73 15.88 -2.38
N ILE B 77 -24.81 16.04 -1.60
CA ILE B 77 -26.16 16.23 -2.12
C ILE B 77 -26.61 17.62 -1.73
N ASP B 78 -27.03 18.41 -2.73
CA ASP B 78 -27.51 19.79 -2.51
C ASP B 78 -28.94 19.90 -3.09
N ALA B 79 -29.90 20.02 -2.19
CA ALA B 79 -31.30 20.16 -2.51
C ALA B 79 -31.71 21.61 -2.23
N PRO B 80 -32.19 22.36 -3.24
CA PRO B 80 -32.71 23.74 -3.00
C PRO B 80 -33.78 23.81 -1.91
N ASN B 81 -34.63 22.80 -1.86
CA ASN B 81 -35.59 22.65 -0.75
C ASN B 81 -35.43 21.24 -0.17
N LYS B 82 -34.83 21.17 1.01
CA LYS B 82 -34.52 19.88 1.64
C LYS B 82 -35.76 19.00 1.90
N ALA B 83 -36.89 19.62 2.18
CA ALA B 83 -38.15 18.89 2.36
C ALA B 83 -38.60 18.15 1.09
N LYS B 84 -38.19 18.67 -0.07
CA LYS B 84 -38.50 18.06 -1.36
C LYS B 84 -37.31 17.38 -2.03
N ALA B 85 -36.38 16.85 -1.23
CA ALA B 85 -35.22 16.15 -1.76
C ALA B 85 -35.68 14.86 -2.45
N ALA B 86 -35.10 14.56 -3.60
CA ALA B 86 -35.31 13.26 -4.27
C ALA B 86 -34.25 13.07 -5.36
N ASP B 87 -33.85 11.83 -5.69
CA ASP B 87 -34.22 10.58 -5.04
C ASP B 87 -33.10 9.90 -4.26
N GLY B 88 -31.84 10.17 -4.63
CA GLY B 88 -30.70 9.71 -3.85
C GLY B 88 -29.58 9.13 -4.70
N LEU B 89 -28.63 8.52 -4.01
CA LEU B 89 -27.38 8.06 -4.59
C LEU B 89 -27.11 6.68 -4.02
N ALA B 90 -26.48 5.82 -4.80
CA ALA B 90 -26.07 4.50 -4.34
C ALA B 90 -24.70 4.11 -4.85
N PHE B 91 -23.99 3.36 -4.03
CA PHE B 91 -22.81 2.63 -4.45
C PHE B 91 -23.28 1.21 -4.72
N PHE B 92 -22.81 0.60 -5.80
CA PHE B 92 -23.28 -0.75 -6.15
C PHE B 92 -22.27 -1.62 -6.85
N LEU B 93 -22.55 -2.92 -6.77
CA LEU B 93 -21.85 -3.95 -7.52
C LEU B 93 -22.92 -4.65 -8.37
N ALA B 94 -22.56 -4.94 -9.61
CA ALA B 94 -23.52 -5.49 -10.59
C ALA B 94 -22.77 -6.29 -11.65
N PRO B 95 -23.51 -7.04 -12.49
CA PRO B 95 -22.81 -7.74 -13.58
C PRO B 95 -22.02 -6.78 -14.49
N VAL B 96 -20.98 -7.31 -15.10
CA VAL B 96 -20.08 -6.50 -15.92
C VAL B 96 -20.79 -5.68 -17.01
N ASP B 97 -21.83 -6.26 -17.60
CA ASP B 97 -22.60 -5.61 -18.67
C ASP B 97 -23.77 -4.73 -18.17
N THR B 98 -23.79 -4.39 -16.88
CA THR B 98 -24.84 -3.57 -16.29
C THR B 98 -25.09 -2.27 -17.05
N GLU B 99 -26.36 -1.97 -17.26
CA GLU B 99 -26.83 -0.75 -17.93
C GLU B 99 -27.84 -0.04 -17.02
N PRO B 100 -27.99 1.29 -17.17
CA PRO B 100 -28.96 2.02 -16.33
C PRO B 100 -30.39 1.53 -16.51
N GLN B 101 -31.10 1.40 -15.41
CA GLN B 101 -32.49 0.95 -15.42
C GLN B 101 -33.40 2.16 -15.20
N LYS B 102 -34.49 2.02 -14.45
CA LYS B 102 -35.46 3.10 -14.32
C LYS B 102 -34.97 4.24 -13.44
N PRO B 103 -35.38 5.49 -13.75
CA PRO B 103 -35.02 6.66 -12.96
C PRO B 103 -35.87 6.82 -11.68
N GLY B 104 -35.80 8.00 -11.07
CA GLY B 104 -36.56 8.28 -9.87
C GLY B 104 -36.15 7.40 -8.70
N GLY B 105 -37.16 6.87 -8.01
CA GLY B 105 -36.96 6.12 -6.78
C GLY B 105 -36.31 4.76 -6.96
N LEU B 106 -36.24 4.29 -8.22
CA LEU B 106 -35.52 3.07 -8.53
C LEU B 106 -34.02 3.28 -8.74
N LEU B 107 -33.60 4.55 -8.71
CA LEU B 107 -32.19 4.96 -8.59
C LEU B 107 -31.29 4.54 -9.74
N GLY B 108 -31.89 4.22 -10.89
CA GLY B 108 -31.14 3.66 -12.00
C GLY B 108 -30.68 2.24 -11.85
N LEU B 109 -31.09 1.57 -10.78
CA LEU B 109 -30.61 0.23 -10.44
C LEU B 109 -31.55 -0.89 -10.85
N PHE B 110 -32.85 -0.64 -10.74
CA PHE B 110 -33.87 -1.67 -10.93
C PHE B 110 -34.91 -1.24 -11.94
N HIS B 111 -35.51 -2.23 -12.58
CA HIS B 111 -36.56 -2.04 -13.58
C HIS B 111 -37.97 -1.91 -12.95
N ASP B 112 -38.12 -2.46 -11.75
CA ASP B 112 -39.39 -2.38 -11.00
C ASP B 112 -39.09 -2.46 -9.49
N ASP B 113 -40.15 -2.48 -8.68
CA ASP B 113 -40.00 -2.52 -7.21
C ASP B 113 -40.03 -3.93 -6.60
N ARG B 114 -39.86 -4.95 -7.41
CA ARG B 114 -39.90 -6.34 -6.94
C ARG B 114 -38.50 -6.87 -6.62
N HIS B 115 -38.47 -8.02 -5.95
CA HIS B 115 -37.24 -8.72 -5.67
C HIS B 115 -37.10 -9.66 -6.86
N ASN B 116 -35.90 -9.69 -7.44
CA ASN B 116 -35.57 -10.64 -8.49
C ASN B 116 -34.10 -11.08 -8.39
N LYS B 117 -33.87 -12.37 -8.10
CA LYS B 117 -32.53 -12.97 -8.01
C LYS B 117 -31.65 -12.77 -9.26
N SER B 118 -32.28 -12.64 -10.42
CA SER B 118 -31.55 -12.38 -11.65
C SER B 118 -31.04 -10.95 -11.80
N ASN B 119 -31.40 -10.03 -10.89
CA ASN B 119 -30.78 -8.70 -10.87
C ASN B 119 -29.27 -8.79 -10.61
N HIS B 120 -28.87 -9.67 -9.71
CA HIS B 120 -27.47 -9.78 -9.27
C HIS B 120 -26.89 -8.41 -8.86
N ILE B 121 -27.60 -7.69 -8.00
CA ILE B 121 -27.19 -6.37 -7.52
C ILE B 121 -27.06 -6.38 -6.00
N VAL B 122 -25.93 -5.85 -5.51
CA VAL B 122 -25.79 -5.47 -4.12
C VAL B 122 -25.49 -3.97 -4.14
N ALA B 123 -26.19 -3.21 -3.29
CA ALA B 123 -26.05 -1.77 -3.24
C ALA B 123 -26.19 -1.23 -1.83
N VAL B 124 -25.55 -0.08 -1.61
CA VAL B 124 -25.76 0.71 -0.43
C VAL B 124 -26.34 2.02 -0.93
N GLU B 125 -27.55 2.33 -0.50
CA GLU B 125 -28.28 3.51 -0.94
C GLU B 125 -28.32 4.60 0.13
N PHE B 126 -28.29 5.83 -0.35
CA PHE B 126 -28.45 7.02 0.44
C PHE B 126 -29.72 7.66 -0.12
N ASP B 127 -30.84 7.35 0.53
CA ASP B 127 -32.18 7.52 -0.05
C ASP B 127 -32.87 8.73 0.56
N THR B 128 -33.10 9.73 -0.28
CA THR B 128 -33.61 11.03 0.17
C THR B 128 -35.13 11.20 -0.03
N PHE B 129 -35.82 10.22 -0.62
CA PHE B 129 -37.27 10.33 -0.86
C PHE B 129 -38.03 9.09 -0.44
N LYS B 130 -39.07 9.27 0.36
CA LYS B 130 -39.89 8.15 0.81
C LYS B 130 -40.85 7.69 -0.30
N ASN B 131 -40.51 6.57 -0.92
CA ASN B 131 -41.38 5.87 -1.84
C ASN B 131 -42.30 4.93 -1.05
N SER B 132 -43.25 4.30 -1.75
CA SER B 132 -44.24 3.45 -1.10
C SER B 132 -43.60 2.24 -0.40
N TRP B 133 -42.46 1.78 -0.91
CA TRP B 133 -41.71 0.66 -0.32
C TRP B 133 -40.69 1.06 0.78
N ASP B 134 -40.54 2.34 1.05
CA ASP B 134 -39.51 2.83 1.98
C ASP B 134 -39.95 2.94 3.44
N PRO B 135 -38.98 2.89 4.37
CA PRO B 135 -39.31 3.28 5.73
C PRO B 135 -39.56 4.78 5.81
N GLU B 136 -40.14 5.23 6.92
CA GLU B 136 -40.33 6.66 7.15
C GLU B 136 -38.96 7.34 7.31
N GLY B 137 -38.81 8.49 6.67
CA GLY B 137 -37.63 9.32 6.80
C GLY B 137 -36.51 8.95 5.84
N THR B 138 -35.61 9.91 5.64
CA THR B 138 -34.42 9.66 4.83
C THR B 138 -33.56 8.58 5.53
N HIS B 139 -32.90 7.75 4.75
CA HIS B 139 -32.26 6.56 5.30
C HIS B 139 -31.15 6.03 4.42
N ILE B 140 -30.28 5.26 5.05
CA ILE B 140 -29.24 4.52 4.41
C ILE B 140 -29.72 3.08 4.42
N GLY B 141 -29.56 2.42 3.29
CA GLY B 141 -30.05 1.06 3.10
C GLY B 141 -29.02 0.15 2.46
N ILE B 142 -29.07 -1.11 2.87
CA ILE B 142 -28.37 -2.20 2.23
C ILE B 142 -29.40 -2.95 1.39
N ASN B 143 -29.15 -3.04 0.09
CA ASN B 143 -30.07 -3.60 -0.89
C ASN B 143 -29.44 -4.82 -1.56
N VAL B 144 -30.23 -5.88 -1.66
CA VAL B 144 -29.83 -7.11 -2.33
C VAL B 144 -30.94 -7.49 -3.29
N ASN B 145 -30.71 -7.31 -4.59
CA ASN B 145 -31.64 -7.74 -5.64
C ASN B 145 -33.01 -7.05 -5.64
N SER B 146 -33.13 -5.92 -4.92
CA SER B 146 -34.38 -5.20 -4.80
C SER B 146 -34.14 -3.80 -4.32
N ILE B 147 -35.00 -2.88 -4.75
CA ILE B 147 -35.05 -1.50 -4.18
C ILE B 147 -35.57 -1.49 -2.75
N VAL B 148 -36.23 -2.57 -2.34
CA VAL B 148 -36.75 -2.72 -0.98
C VAL B 148 -35.59 -3.24 -0.14
N SER B 149 -34.98 -2.36 0.66
CA SER B 149 -33.75 -2.69 1.38
C SER B 149 -33.91 -3.86 2.35
N ARG B 150 -32.88 -4.67 2.43
CA ARG B 150 -32.73 -5.69 3.48
C ARG B 150 -32.67 -5.08 4.88
N LYS B 151 -31.97 -3.97 5.01
CA LYS B 151 -31.76 -3.33 6.30
C LYS B 151 -31.60 -1.83 6.03
N THR B 152 -32.17 -1.00 6.89
CA THR B 152 -32.01 0.44 6.81
C THR B 152 -31.74 1.05 8.17
N ILE B 153 -31.15 2.24 8.15
CA ILE B 153 -31.08 3.10 9.32
C ILE B 153 -31.45 4.50 8.94
N SER B 154 -32.00 5.23 9.88
CA SER B 154 -32.31 6.64 9.69
C SER B 154 -31.03 7.44 9.47
N TRP B 155 -31.10 8.40 8.57
CA TRP B 155 -29.98 9.24 8.20
C TRP B 155 -30.53 10.61 7.87
N ASP B 156 -30.03 11.65 8.53
CA ASP B 156 -30.43 13.02 8.21
C ASP B 156 -29.46 13.63 7.21
N LEU B 157 -29.97 13.94 6.03
CA LEU B 157 -29.21 14.60 4.99
C LEU B 157 -28.73 15.94 5.51
N GLU B 158 -27.43 16.20 5.45
CA GLU B 158 -26.89 17.53 5.76
C GLU B 158 -26.66 18.19 4.41
N ASN B 159 -27.56 19.13 4.13
CA ASN B 159 -27.68 19.67 2.81
C ASN B 159 -26.41 20.43 2.40
N ASN B 160 -25.87 20.06 1.24
CA ASN B 160 -24.66 20.65 0.70
C ASN B 160 -23.39 20.48 1.54
N GLU B 161 -23.36 19.49 2.45
CA GLU B 161 -22.16 19.19 3.22
C GLU B 161 -21.50 17.93 2.67
N VAL B 162 -20.19 17.83 2.84
CA VAL B 162 -19.44 16.69 2.38
C VAL B 162 -19.68 15.50 3.30
N ALA B 163 -20.13 14.39 2.74
CA ALA B 163 -20.26 13.13 3.47
C ALA B 163 -19.09 12.22 3.10
N ASN B 164 -18.44 11.61 4.09
CA ASN B 164 -17.38 10.65 3.88
C ASN B 164 -17.92 9.26 4.18
N VAL B 165 -17.94 8.41 3.17
CA VAL B 165 -18.48 7.05 3.25
C VAL B 165 -17.36 6.03 3.19
N VAL B 166 -17.51 4.95 3.98
CA VAL B 166 -16.69 3.76 3.86
C VAL B 166 -17.65 2.56 3.80
N ILE B 167 -17.47 1.72 2.79
CA ILE B 167 -18.21 0.47 2.64
C ILE B 167 -17.20 -0.66 2.54
N SER B 168 -17.37 -1.68 3.37
CA SER B 168 -16.45 -2.81 3.37
C SER B 168 -17.16 -4.16 3.44
N TYR B 169 -16.52 -5.16 2.86
CA TYR B 169 -16.99 -6.53 2.90
C TYR B 169 -15.91 -7.46 3.48
N GLN B 170 -16.29 -8.18 4.52
CA GLN B 170 -15.45 -9.18 5.17
C GLN B 170 -16.00 -10.56 4.80
N ALA B 171 -15.30 -11.24 3.90
CA ALA B 171 -15.74 -12.52 3.36
C ALA B 171 -15.90 -13.59 4.43
N SER B 172 -14.98 -13.60 5.41
CA SER B 172 -14.98 -14.64 6.45
C SER B 172 -16.25 -14.65 7.31
N THR B 173 -16.87 -13.49 7.49
CA THR B 173 -18.11 -13.36 8.22
C THR B 173 -19.31 -13.00 7.33
N LYS B 174 -19.09 -12.90 6.03
CA LYS B 174 -20.11 -12.52 5.05
C LYS B 174 -20.82 -11.23 5.43
N THR B 175 -20.07 -10.27 5.96
CA THR B 175 -20.68 -9.05 6.47
C THR B 175 -20.30 -7.85 5.62
N LEU B 176 -21.31 -7.11 5.21
CA LEU B 176 -21.18 -5.83 4.53
C LEU B 176 -21.43 -4.71 5.56
N THR B 177 -20.49 -3.78 5.67
CA THR B 177 -20.59 -2.65 6.58
C THR B 177 -20.59 -1.35 5.79
N ALA B 178 -21.43 -0.40 6.18
CA ALA B 178 -21.42 0.93 5.57
C ALA B 178 -21.47 1.98 6.66
N SER B 179 -20.61 2.98 6.57
CA SER B 179 -20.61 4.09 7.48
C SER B 179 -20.62 5.41 6.70
N LEU B 180 -21.19 6.44 7.31
CA LEU B 180 -21.16 7.78 6.75
C LEU B 180 -20.86 8.75 7.87
N VAL B 181 -19.93 9.67 7.61
CA VAL B 181 -19.56 10.72 8.55
C VAL B 181 -19.70 12.09 7.87
N TYR B 182 -20.27 13.04 8.57
CA TYR B 182 -20.22 14.45 8.22
C TYR B 182 -19.24 15.16 9.15
N PRO B 183 -18.01 15.41 8.69
CA PRO B 183 -17.04 16.08 9.57
C PRO B 183 -17.42 17.48 10.01
N SER B 184 -18.16 18.21 9.16
CA SER B 184 -18.62 19.58 9.48
C SER B 184 -19.49 19.63 10.76
N SER B 185 -20.31 18.62 10.99
CA SER B 185 -21.19 18.59 12.18
C SER B 185 -20.83 17.51 13.22
N SER B 186 -19.79 16.73 12.97
CA SER B 186 -19.43 15.58 13.80
C SER B 186 -20.59 14.61 14.00
N THR B 187 -21.31 14.32 12.94
CA THR B 187 -22.44 13.39 12.96
C THR B 187 -22.04 12.17 12.15
N SER B 188 -22.44 10.99 12.60
CA SER B 188 -21.97 9.76 11.98
C SER B 188 -23.00 8.64 12.10
N TYR B 189 -22.95 7.74 11.12
CA TYR B 189 -23.92 6.67 10.97
C TYR B 189 -23.22 5.39 10.54
N ILE B 190 -23.76 4.24 10.95
CA ILE B 190 -23.19 2.96 10.55
C ILE B 190 -24.24 1.85 10.59
N LEU B 191 -24.13 0.92 9.66
CA LEU B 191 -24.92 -0.32 9.74
C LEU B 191 -24.17 -1.44 9.09
N ASN B 192 -24.53 -2.65 9.45
CA ASN B 192 -23.96 -3.81 8.81
C ASN B 192 -24.97 -4.94 8.75
N ASP B 193 -24.78 -5.84 7.79
CA ASP B 193 -25.66 -7.00 7.63
C ASP B 193 -24.95 -8.14 6.91
N VAL B 194 -25.51 -9.32 7.07
CA VAL B 194 -25.03 -10.49 6.38
C VAL B 194 -25.51 -10.49 4.94
N VAL B 195 -24.54 -10.54 4.02
CA VAL B 195 -24.81 -10.60 2.60
C VAL B 195 -23.81 -11.59 2.01
N ASP B 196 -24.29 -12.66 1.41
CA ASP B 196 -23.36 -13.68 0.88
C ASP B 196 -23.09 -13.39 -0.60
N LEU B 197 -21.99 -12.69 -0.88
CA LEU B 197 -21.70 -12.24 -2.25
C LEU B 197 -21.59 -13.37 -3.25
N LYS B 198 -21.02 -14.50 -2.86
CA LYS B 198 -20.90 -15.66 -3.75
C LYS B 198 -22.27 -16.15 -4.23
N GLN B 199 -23.30 -16.07 -3.38
CA GLN B 199 -24.65 -16.47 -3.79
C GLN B 199 -25.41 -15.43 -4.60
N ILE B 200 -25.02 -14.16 -4.51
CA ILE B 200 -25.77 -13.05 -5.12
C ILE B 200 -25.17 -12.63 -6.47
N LEU B 201 -23.84 -12.50 -6.51
CA LEU B 201 -23.17 -11.84 -7.62
C LEU B 201 -22.42 -12.84 -8.48
N PRO B 202 -22.24 -12.51 -9.77
CA PRO B 202 -21.34 -13.31 -10.59
C PRO B 202 -19.86 -13.15 -10.14
N GLU B 203 -19.01 -14.01 -10.66
CA GLU B 203 -17.60 -14.02 -10.26
C GLU B 203 -16.88 -12.71 -10.52
N TYR B 204 -17.22 -12.06 -11.62
CA TYR B 204 -16.74 -10.73 -11.95
C TYR B 204 -17.90 -9.74 -11.98
N VAL B 205 -17.65 -8.56 -11.42
CA VAL B 205 -18.62 -7.49 -11.37
C VAL B 205 -17.99 -6.18 -11.79
N ARG B 206 -18.82 -5.20 -12.11
CA ARG B 206 -18.40 -3.82 -12.10
C ARG B 206 -18.93 -3.12 -10.88
N VAL B 207 -18.16 -2.13 -10.42
CA VAL B 207 -18.51 -1.35 -9.24
C VAL B 207 -18.60 0.11 -9.57
N GLY B 208 -19.45 0.80 -8.84
CA GLY B 208 -19.57 2.24 -9.03
C GLY B 208 -20.79 2.87 -8.40
N PHE B 209 -21.19 4.00 -8.96
CA PHE B 209 -22.21 4.85 -8.41
C PHE B 209 -23.36 5.03 -9.35
N THR B 210 -24.52 5.34 -8.78
CA THR B 210 -25.70 5.72 -9.51
C THR B 210 -26.46 6.74 -8.69
N ALA B 211 -27.13 7.66 -9.36
CA ALA B 211 -27.96 8.61 -8.68
C ALA B 211 -29.06 9.12 -9.58
N ALA B 212 -30.16 9.54 -8.96
CA ALA B 212 -31.34 10.03 -9.71
C ALA B 212 -31.98 11.21 -8.97
N SER B 213 -32.36 12.22 -9.73
CA SER B 213 -33.18 13.32 -9.21
C SER B 213 -34.67 12.96 -9.35
N GLY B 214 -35.52 13.72 -8.67
CA GLY B 214 -36.94 13.39 -8.60
C GLY B 214 -37.67 13.57 -9.91
N LEU B 215 -38.80 12.89 -10.01
CA LEU B 215 -39.62 12.87 -11.23
C LEU B 215 -40.69 13.97 -11.26
N SER B 216 -40.64 14.93 -10.35
CA SER B 216 -41.42 16.17 -10.47
C SER B 216 -40.45 17.33 -10.35
N LYS B 217 -40.80 18.46 -10.96
CA LYS B 217 -39.86 19.57 -11.13
C LYS B 217 -39.42 20.23 -9.83
N ASP B 218 -40.22 20.14 -8.78
CA ASP B 218 -39.85 20.74 -7.49
C ASP B 218 -39.16 19.75 -6.53
N HIS B 219 -38.95 18.50 -6.96
CA HIS B 219 -38.28 17.50 -6.12
C HIS B 219 -36.91 17.14 -6.70
N VAL B 220 -35.97 18.05 -6.53
CA VAL B 220 -34.69 17.95 -7.22
C VAL B 220 -33.54 18.15 -6.25
N GLU B 221 -32.39 17.60 -6.63
CA GLU B 221 -31.17 17.77 -5.85
C GLU B 221 -30.00 17.35 -6.75
N THR B 222 -28.82 17.87 -6.44
CA THR B 222 -27.58 17.45 -7.08
C THR B 222 -27.01 16.21 -6.36
N HIS B 223 -26.23 15.41 -7.08
CA HIS B 223 -25.53 14.26 -6.50
C HIS B 223 -24.12 14.22 -7.07
N ASP B 224 -23.15 14.68 -6.29
CA ASP B 224 -21.77 14.81 -6.75
C ASP B 224 -20.84 13.91 -5.93
N VAL B 225 -20.00 13.13 -6.61
CA VAL B 225 -18.93 12.38 -5.96
C VAL B 225 -17.59 13.14 -6.12
N LEU B 226 -16.93 13.41 -5.01
CA LEU B 226 -15.73 14.22 -4.99
C LEU B 226 -14.45 13.41 -5.06
N ALA B 227 -14.49 12.18 -4.53
CA ALA B 227 -13.27 11.36 -4.37
C ALA B 227 -13.71 9.91 -4.18
N TRP B 228 -12.85 8.96 -4.54
CA TRP B 228 -13.19 7.53 -4.50
C TRP B 228 -11.95 6.68 -4.45
N THR B 229 -11.88 5.77 -3.48
CA THR B 229 -10.87 4.73 -3.45
C THR B 229 -11.55 3.37 -3.37
N PHE B 230 -10.89 2.36 -3.92
CA PHE B 230 -11.39 1.00 -3.91
C PHE B 230 -10.21 0.04 -3.79
N ASP B 231 -10.35 -1.00 -2.98
CA ASP B 231 -9.34 -2.05 -2.82
C ASP B 231 -10.07 -3.37 -2.66
N SER B 232 -9.70 -4.38 -3.43
CA SER B 232 -10.24 -5.73 -3.26
C SER B 232 -9.08 -6.72 -3.16
N ASP B 233 -9.30 -7.82 -2.46
CA ASP B 233 -8.28 -8.85 -2.24
C ASP B 233 -8.98 -10.21 -2.30
N LEU B 234 -8.69 -10.99 -3.34
CA LEU B 234 -9.17 -12.35 -3.50
C LEU B 234 -8.03 -13.26 -3.03
N PRO B 235 -8.17 -13.92 -1.87
CA PRO B 235 -7.06 -14.67 -1.31
C PRO B 235 -6.82 -16.01 -2.00
N ASP B 236 -5.66 -16.60 -1.71
CA ASP B 236 -5.37 -17.97 -2.08
C ASP B 236 -6.27 -18.92 -1.31
N PRO B 237 -6.55 -20.11 -1.86
CA PRO B 237 -7.33 -21.11 -1.15
C PRO B 237 -6.68 -21.56 0.16
N SER B 238 -7.51 -21.89 1.14
CA SER B 238 -7.14 -22.39 2.49
C SER B 238 -5.87 -23.25 2.69
N LYS C 1 7.53 14.51 2.78
CA LYS C 1 6.45 13.56 3.13
C LYS C 1 7.01 12.39 3.94
N GLU C 2 6.28 11.98 4.98
CA GLU C 2 6.67 10.84 5.81
C GLU C 2 5.47 9.95 6.08
N THR C 3 5.67 8.63 5.96
CA THR C 3 4.66 7.66 6.33
C THR C 3 5.25 6.59 7.23
N THR C 4 4.37 6.00 8.06
CA THR C 4 4.69 4.88 8.93
C THR C 4 3.54 3.91 8.84
N SER C 5 3.86 2.63 8.81
CA SER C 5 2.85 1.64 8.65
C SER C 5 3.30 0.33 9.31
N PHE C 6 2.33 -0.40 9.89
CA PHE C 6 2.59 -1.75 10.36
C PHE C 6 1.32 -2.57 10.41
N VAL C 7 1.51 -3.90 10.35
CA VAL C 7 0.42 -4.86 10.40
C VAL C 7 0.86 -6.02 11.31
N PHE C 8 -0.05 -6.43 12.20
CA PHE C 8 0.04 -7.69 12.93
C PHE C 8 -1.30 -8.38 12.69
N THR C 9 -1.32 -9.54 12.04
CA THR C 9 -2.57 -10.32 12.01
C THR C 9 -2.63 -11.28 13.18
N ARG C 10 -1.51 -11.42 13.87
CA ARG C 10 -1.41 -12.07 15.16
C ARG C 10 -0.07 -11.66 15.77
N PHE C 11 0.15 -12.01 17.03
CA PHE C 11 1.35 -11.55 17.74
C PHE C 11 2.25 -12.72 18.09
N SER C 12 3.56 -12.49 18.00
CA SER C 12 4.57 -13.50 18.30
C SER C 12 5.04 -13.34 19.76
N PRO C 13 5.55 -14.43 20.35
CA PRO C 13 5.82 -14.46 21.79
C PRO C 13 6.76 -13.46 22.40
N ASP C 14 7.68 -12.86 21.68
CA ASP C 14 8.56 -11.85 22.33
C ASP C 14 8.61 -10.72 21.33
N PRO C 15 7.55 -9.88 21.28
CA PRO C 15 7.46 -8.90 20.20
C PRO C 15 8.38 -7.71 20.51
N GLN C 16 9.61 -7.75 19.99
CA GLN C 16 10.61 -6.72 20.29
C GLN C 16 10.32 -5.36 19.65
N ASN C 17 9.39 -5.29 18.69
CA ASN C 17 8.93 -4.00 18.16
C ASN C 17 7.67 -3.45 18.89
N LEU C 18 7.28 -4.10 19.97
CA LEU C 18 6.29 -3.58 20.88
C LEU C 18 6.92 -3.33 22.24
N LEU C 19 6.53 -2.22 22.83
CA LEU C 19 6.91 -1.89 24.21
C LEU C 19 5.75 -2.34 25.12
N LEU C 20 5.96 -3.43 25.86
CA LEU C 20 4.93 -3.98 26.74
C LEU C 20 5.10 -3.38 28.12
N GLN C 21 4.01 -2.89 28.70
CA GLN C 21 4.06 -2.23 30.01
C GLN C 21 3.03 -2.89 30.92
N GLY C 22 3.34 -2.90 32.21
CA GLY C 22 2.50 -3.56 33.21
C GLY C 22 2.37 -5.05 32.98
N ASP C 23 1.15 -5.57 33.00
CA ASP C 23 0.90 -7.01 32.98
C ASP C 23 0.82 -7.67 31.61
N THR C 24 0.99 -6.90 30.53
CA THR C 24 0.76 -7.42 29.19
C THR C 24 1.66 -8.61 28.83
N VAL C 25 1.06 -9.67 28.28
CA VAL C 25 1.82 -10.79 27.72
C VAL C 25 1.21 -11.16 26.37
N VAL C 26 1.98 -11.91 25.59
CA VAL C 26 1.47 -12.52 24.38
C VAL C 26 1.12 -13.97 24.70
N THR C 27 -0.07 -14.39 24.31
CA THR C 27 -0.53 -15.74 24.63
C THR C 27 -0.03 -16.76 23.60
N SER C 28 -0.21 -18.03 23.92
CA SER C 28 0.08 -19.12 23.00
C SER C 28 -0.80 -19.10 21.75
N SER C 29 -2.00 -18.52 21.84
CA SER C 29 -2.85 -18.33 20.64
C SER C 29 -2.46 -17.10 19.79
N GLY C 30 -1.43 -16.35 20.20
CA GLY C 30 -0.99 -15.15 19.47
C GLY C 30 -1.77 -13.87 19.71
N HIS C 31 -2.37 -13.77 20.89
CA HIS C 31 -3.12 -12.58 21.30
C HIS C 31 -2.30 -11.73 22.23
N LEU C 32 -2.56 -10.44 22.17
CA LEU C 32 -2.01 -9.48 23.10
C LEU C 32 -2.96 -9.44 24.29
N GLN C 33 -2.57 -10.07 25.39
CA GLN C 33 -3.41 -10.19 26.56
C GLN C 33 -3.01 -9.07 27.52
N LEU C 34 -3.81 -8.00 27.53
CA LEU C 34 -3.40 -6.78 28.25
C LEU C 34 -3.55 -6.92 29.76
N THR C 35 -4.61 -7.61 30.18
CA THR C 35 -4.83 -7.85 31.60
C THR C 35 -4.70 -9.34 31.92
N GLN C 36 -4.25 -9.58 33.13
CA GLN C 36 -3.78 -10.89 33.55
C GLN C 36 -4.90 -11.93 33.59
N VAL C 37 -4.58 -13.14 33.22
CA VAL C 37 -5.48 -14.29 33.22
C VAL C 37 -4.74 -15.42 33.94
N LYS C 38 -5.44 -16.14 34.80
CA LYS C 38 -4.88 -17.19 35.63
C LYS C 38 -5.86 -18.37 35.60
N ASP C 39 -5.39 -19.50 35.07
CA ASP C 39 -6.21 -20.73 34.97
C ASP C 39 -7.49 -20.47 34.18
N GLY C 40 -7.38 -19.74 33.08
CA GLY C 40 -8.52 -19.34 32.26
C GLY C 40 -9.46 -18.26 32.80
N GLU C 41 -9.16 -17.68 33.97
CA GLU C 41 -10.03 -16.69 34.62
C GLU C 41 -9.33 -15.34 34.74
N PRO C 42 -10.05 -14.23 34.47
CA PRO C 42 -9.41 -12.90 34.58
C PRO C 42 -9.08 -12.55 36.02
N VAL C 43 -7.96 -11.88 36.22
CA VAL C 43 -7.48 -11.47 37.53
C VAL C 43 -7.81 -10.00 37.72
N TYR C 44 -8.22 -9.66 38.94
CA TYR C 44 -8.59 -8.28 39.28
C TYR C 44 -7.37 -7.41 39.49
N SER C 45 -7.61 -6.10 39.47
CA SER C 45 -6.57 -5.10 39.72
C SER C 45 -5.35 -5.25 38.80
N SER C 46 -5.60 -5.59 37.54
CA SER C 46 -4.57 -5.80 36.55
C SER C 46 -4.60 -4.62 35.56
N LEU C 47 -3.40 -4.24 35.13
CA LEU C 47 -3.22 -3.14 34.19
C LEU C 47 -2.12 -3.51 33.22
N GLY C 48 -2.40 -3.43 31.93
CA GLY C 48 -1.40 -3.66 30.90
C GLY C 48 -1.53 -2.70 29.73
N ARG C 49 -0.39 -2.33 29.16
CA ARG C 49 -0.33 -1.53 27.97
C ARG C 49 0.63 -2.15 26.95
N ALA C 50 0.51 -1.70 25.71
CA ALA C 50 1.37 -2.15 24.61
C ALA C 50 1.46 -1.04 23.58
N LEU C 51 2.67 -0.59 23.29
CA LEU C 51 2.92 0.50 22.38
C LEU C 51 3.78 0.02 21.23
N TYR C 52 3.55 0.52 20.04
CA TYR C 52 4.52 0.32 18.95
C TYR C 52 5.83 1.02 19.32
N TYR C 53 6.94 0.35 19.05
CA TYR C 53 8.25 0.83 19.50
C TYR C 53 8.66 2.17 18.89
N ALA C 54 8.44 2.33 17.59
CA ALA C 54 8.84 3.56 16.91
C ALA C 54 7.88 4.72 17.22
N PRO C 55 8.43 5.89 17.56
CA PRO C 55 7.61 7.09 17.55
C PRO C 55 7.00 7.37 16.17
N ILE C 56 5.80 7.93 16.18
CA ILE C 56 5.06 8.29 15.00
C ILE C 56 5.13 9.81 14.86
N HIS C 57 5.45 10.29 13.66
CA HIS C 57 5.53 11.72 13.40
C HIS C 57 4.13 12.21 13.02
N ILE C 58 3.46 12.85 13.96
CA ILE C 58 2.05 13.19 13.79
C ILE C 58 1.82 14.64 13.34
N TRP C 59 2.77 15.54 13.64
CA TRP C 59 2.79 16.85 13.03
C TRP C 59 4.19 17.42 13.04
N ASP C 60 4.42 18.43 12.20
CA ASP C 60 5.74 18.98 12.00
C ASP C 60 5.72 20.50 12.09
N SER C 61 6.38 21.04 13.11
CA SER C 61 6.43 22.50 13.30
C SER C 61 7.20 23.25 12.22
N ASN C 62 8.15 22.56 11.60
CA ASN C 62 8.97 23.14 10.54
C ASN C 62 8.17 23.50 9.29
N THR C 63 7.22 22.64 8.91
CA THR C 63 6.41 22.81 7.70
C THR C 63 4.94 23.13 7.98
N ASP C 64 4.56 23.22 9.25
CA ASP C 64 3.16 23.37 9.68
C ASP C 64 2.19 22.35 9.03
N THR C 65 2.61 21.09 8.98
CA THR C 65 1.76 20.02 8.45
C THR C 65 1.32 19.10 9.57
N VAL C 66 0.18 18.44 9.35
CA VAL C 66 -0.40 17.52 10.34
C VAL C 66 -0.74 16.22 9.63
N ALA C 67 -0.45 15.10 10.29
CA ALA C 67 -0.67 13.79 9.69
C ALA C 67 -2.13 13.35 9.71
N ASN C 68 -2.52 12.56 8.70
CA ASN C 68 -3.68 11.69 8.78
C ASN C 68 -3.22 10.37 9.35
N PHE C 69 -4.13 9.65 10.00
CA PHE C 69 -3.83 8.25 10.33
C PHE C 69 -5.08 7.42 10.33
N VAL C 70 -4.88 6.12 10.19
CA VAL C 70 -5.97 5.17 10.33
C VAL C 70 -5.40 3.92 11.01
N THR C 71 -6.12 3.43 12.00
CA THR C 71 -5.73 2.21 12.70
C THR C 71 -6.92 1.29 12.74
N SER C 72 -6.67 -0.02 12.59
CA SER C 72 -7.71 -1.00 12.76
C SER C 72 -7.23 -2.03 13.74
N PHE C 73 -8.14 -2.58 14.53
CA PHE C 73 -7.80 -3.67 15.40
C PHE C 73 -9.02 -4.48 15.75
N SER C 74 -8.75 -5.72 16.18
CA SER C 74 -9.77 -6.61 16.67
C SER C 74 -9.49 -6.89 18.13
N PHE C 75 -10.53 -6.86 18.95
CA PHE C 75 -10.41 -7.19 20.35
C PHE C 75 -11.57 -8.00 20.87
N VAL C 76 -11.31 -8.67 21.99
CA VAL C 76 -12.30 -9.45 22.70
C VAL C 76 -12.24 -9.07 24.18
N ILE C 77 -13.42 -8.79 24.75
CA ILE C 77 -13.60 -8.64 26.18
C ILE C 77 -14.53 -9.76 26.62
N ASP C 78 -14.06 -10.54 27.60
CA ASP C 78 -14.83 -11.67 28.16
C ASP C 78 -14.97 -11.43 29.67
N ALA C 79 -16.20 -11.13 30.08
CA ALA C 79 -16.55 -10.93 31.48
C ALA C 79 -17.36 -12.15 31.94
N PRO C 80 -16.87 -12.89 32.95
CA PRO C 80 -17.65 -14.02 33.50
C PRO C 80 -19.05 -13.62 33.98
N ASN C 81 -19.17 -12.42 34.53
CA ASN C 81 -20.44 -11.84 34.90
C ASN C 81 -20.52 -10.45 34.27
N LYS C 82 -21.33 -10.35 33.22
CA LYS C 82 -21.42 -9.12 32.44
C LYS C 82 -21.92 -7.92 33.27
N ALA C 83 -22.77 -8.17 34.25
CA ALA C 83 -23.25 -7.11 35.13
C ALA C 83 -22.13 -6.48 35.96
N LYS C 84 -21.08 -7.25 36.22
CA LYS C 84 -19.93 -6.77 36.98
C LYS C 84 -18.67 -6.57 36.11
N ALA C 85 -18.85 -6.19 34.86
CA ALA C 85 -17.72 -5.97 33.95
C ALA C 85 -16.95 -4.72 34.43
N ALA C 86 -15.63 -4.79 34.40
CA ALA C 86 -14.77 -3.61 34.65
C ALA C 86 -13.34 -3.88 34.20
N ASP C 87 -12.57 -2.88 33.79
CA ASP C 87 -12.95 -1.47 33.58
C ASP C 87 -12.98 -1.04 32.11
N GLY C 88 -12.21 -1.70 31.25
CA GLY C 88 -12.27 -1.44 29.82
C GLY C 88 -10.90 -1.35 29.17
N LEU C 89 -10.92 -0.95 27.90
CA LEU C 89 -9.77 -0.95 27.02
C LEU C 89 -9.77 0.37 26.27
N ALA C 90 -8.58 0.87 25.93
CA ALA C 90 -8.47 2.06 25.10
C ALA C 90 -7.33 1.97 24.11
N PHE C 91 -7.54 2.60 22.95
CA PHE C 91 -6.48 2.88 22.02
C PHE C 91 -6.07 4.33 22.30
N PHE C 92 -4.77 4.60 22.32
CA PHE C 92 -4.31 5.94 22.65
C PHE C 92 -3.04 6.38 21.94
N LEU C 93 -2.87 7.69 21.90
CA LEU C 93 -1.68 8.37 21.47
C LEU C 93 -1.19 9.21 22.66
N ALA C 94 0.11 9.18 22.90
CA ALA C 94 0.71 9.84 24.07
C ALA C 94 2.15 10.23 23.77
N PRO C 95 2.77 11.04 24.66
CA PRO C 95 4.19 11.32 24.46
C PRO C 95 5.05 10.05 24.41
N VAL C 96 6.17 10.17 23.70
CA VAL C 96 7.04 9.02 23.47
C VAL C 96 7.47 8.30 24.76
N ASP C 97 7.70 9.07 25.83
CA ASP C 97 8.12 8.51 27.12
C ASP C 97 6.96 8.07 28.05
N THR C 98 5.74 7.95 27.50
CA THR C 98 4.56 7.58 28.29
C THR C 98 4.78 6.29 29.11
N GLU C 99 4.34 6.35 30.35
CA GLU C 99 4.39 5.23 31.31
C GLU C 99 2.98 5.01 31.88
N PRO C 100 2.68 3.76 32.33
CA PRO C 100 1.35 3.48 32.89
C PRO C 100 1.03 4.33 34.10
N GLN C 101 -0.19 4.83 34.17
CA GLN C 101 -0.65 5.65 35.28
C GLN C 101 -1.56 4.79 36.18
N LYS C 102 -2.65 5.33 36.71
CA LYS C 102 -3.44 4.61 37.70
C LYS C 102 -4.30 3.50 37.07
N PRO C 103 -4.52 2.40 37.81
CA PRO C 103 -5.35 1.30 37.35
C PRO C 103 -6.87 1.57 37.46
N GLY C 104 -7.67 0.52 37.32
CA GLY C 104 -9.11 0.63 37.45
C GLY C 104 -9.72 1.56 36.40
N GLY C 105 -10.61 2.42 36.85
CA GLY C 105 -11.40 3.27 35.95
C GLY C 105 -10.62 4.34 35.22
N LEU C 106 -9.39 4.58 35.67
CA LEU C 106 -8.49 5.50 34.98
C LEU C 106 -7.70 4.83 33.84
N LEU C 107 -7.89 3.51 33.69
CA LEU C 107 -7.50 2.73 32.51
C LEU C 107 -6.01 2.72 32.21
N GLY C 108 -5.19 3.02 33.21
CA GLY C 108 -3.75 3.16 33.00
C GLY C 108 -3.31 4.43 32.28
N LEU C 109 -4.24 5.33 32.00
CA LEU C 109 -3.98 6.50 31.17
C LEU C 109 -3.74 7.77 31.97
N PHE C 110 -4.46 7.92 33.07
CA PHE C 110 -4.48 9.18 33.83
C PHE C 110 -4.17 8.91 35.30
N HIS C 111 -3.64 9.93 35.97
CA HIS C 111 -3.38 9.81 37.41
C HIS C 111 -4.55 10.23 38.26
N ASP C 112 -5.51 10.97 37.72
CA ASP C 112 -6.72 11.37 38.43
C ASP C 112 -7.85 11.65 37.41
N ASP C 113 -9.00 12.11 37.91
CA ASP C 113 -10.16 12.40 37.07
C ASP C 113 -10.28 13.84 36.55
N ARG C 114 -9.21 14.60 36.59
CA ARG C 114 -9.21 15.99 36.13
C ARG C 114 -8.75 16.10 34.70
N HIS C 115 -8.94 17.27 34.11
CA HIS C 115 -8.51 17.58 32.73
C HIS C 115 -7.24 18.42 32.39
N ASN C 116 -6.08 17.78 32.46
CA ASN C 116 -4.79 18.44 32.45
C ASN C 116 -4.20 18.47 31.02
N LYS C 117 -4.04 19.67 30.48
CA LYS C 117 -3.49 19.86 29.11
C LYS C 117 -2.09 19.28 28.91
N SER C 118 -1.33 19.21 30.00
CA SER C 118 0.00 18.62 29.98
C SER C 118 0.00 17.09 29.96
N ASN C 119 -1.16 16.43 30.05
CA ASN C 119 -1.22 14.98 29.79
C ASN C 119 -0.80 14.64 28.35
N HIS C 120 -1.20 15.49 27.39
CA HIS C 120 -0.96 15.24 25.99
C HIS C 120 -1.44 13.85 25.55
N ILE C 121 -2.67 13.49 25.90
CA ILE C 121 -3.26 12.18 25.58
C ILE C 121 -4.52 12.36 24.76
N VAL C 122 -4.62 11.60 23.66
CA VAL C 122 -5.87 11.40 22.95
C VAL C 122 -6.14 9.90 22.99
N ALA C 123 -7.36 9.52 23.34
CA ALA C 123 -7.73 8.14 23.43
C ALA C 123 -9.16 7.88 22.97
N VAL C 124 -9.39 6.66 22.50
CA VAL C 124 -10.71 6.16 22.27
C VAL C 124 -10.88 5.00 23.25
N GLU C 125 -11.86 5.12 24.14
CA GLU C 125 -12.08 4.16 25.21
C GLU C 125 -13.33 3.29 24.95
N PHE C 126 -13.23 2.04 25.40
CA PHE C 126 -14.28 1.08 25.38
C PHE C 126 -14.53 0.74 26.84
N ASP C 127 -15.49 1.43 27.42
CA ASP C 127 -15.60 1.57 28.89
C ASP C 127 -16.75 0.71 29.41
N THR C 128 -16.38 -0.29 30.20
CA THR C 128 -17.34 -1.28 30.69
C THR C 128 -17.88 -1.04 32.11
N PHE C 129 -17.39 0.00 32.81
CA PHE C 129 -17.79 0.25 34.19
C PHE C 129 -18.13 1.72 34.43
N LYS C 130 -19.30 1.96 35.01
CA LYS C 130 -19.74 3.32 35.28
C LYS C 130 -19.06 3.88 36.52
N ASN C 131 -18.09 4.75 36.30
CA ASN C 131 -17.46 5.55 37.35
C ASN C 131 -18.28 6.82 37.57
N SER C 132 -17.92 7.60 38.59
CA SER C 132 -18.68 8.79 38.96
C SER C 132 -18.72 9.83 37.83
N TRP C 133 -17.68 9.86 37.00
CA TRP C 133 -17.59 10.77 35.85
C TRP C 133 -18.21 10.24 34.55
N ASP C 134 -18.72 9.01 34.55
CA ASP C 134 -19.21 8.39 33.32
C ASP C 134 -20.70 8.61 33.04
N PRO C 135 -21.09 8.53 31.76
CA PRO C 135 -22.52 8.47 31.48
C PRO C 135 -23.07 7.10 31.92
N GLU C 136 -24.39 6.98 31.97
CA GLU C 136 -25.02 5.69 32.29
C GLU C 136 -24.76 4.69 31.17
N GLY C 137 -24.43 3.46 31.57
CA GLY C 137 -24.28 2.34 30.66
C GLY C 137 -22.90 2.23 30.03
N THR C 138 -22.60 1.06 29.50
CA THR C 138 -21.35 0.85 28.79
C THR C 138 -21.31 1.75 27.55
N HIS C 139 -20.13 2.24 27.22
CA HIS C 139 -20.03 3.29 26.21
C HIS C 139 -18.65 3.34 25.58
N ILE C 140 -18.63 3.93 24.40
CA ILE C 140 -17.42 4.26 23.70
C ILE C 140 -17.25 5.75 23.85
N GLY C 141 -16.02 6.18 24.11
CA GLY C 141 -15.71 7.57 24.34
C GLY C 141 -14.49 8.05 23.58
N ILE C 142 -14.52 9.32 23.20
CA ILE C 142 -13.36 10.04 22.71
C ILE C 142 -12.88 10.92 23.87
N ASN C 143 -11.62 10.73 24.25
CA ASN C 143 -11.01 11.37 25.40
C ASN C 143 -9.85 12.23 24.96
N VAL C 144 -9.81 13.44 25.47
CA VAL C 144 -8.72 14.39 25.23
C VAL C 144 -8.26 14.92 26.57
N ASN C 145 -7.08 14.49 27.02
CA ASN C 145 -6.45 14.99 28.24
C ASN C 145 -7.20 14.74 29.54
N SER C 146 -8.18 13.82 29.51
CA SER C 146 -9.02 13.53 30.64
C SER C 146 -9.71 12.20 30.48
N ILE C 147 -9.95 11.51 31.59
CA ILE C 147 -10.82 10.33 31.63
C ILE C 147 -12.29 10.68 31.41
N VAL C 148 -12.64 11.96 31.57
CA VAL C 148 -13.99 12.45 31.33
C VAL C 148 -14.09 12.71 29.82
N SER C 149 -14.76 11.82 29.11
CA SER C 149 -14.80 11.88 27.65
C SER C 149 -15.43 13.18 27.12
N ARG C 150 -14.84 13.68 26.04
CA ARG C 150 -15.40 14.78 25.28
C ARG C 150 -16.75 14.40 24.64
N LYS C 151 -16.84 13.18 24.16
CA LYS C 151 -18.05 12.69 23.53
C LYS C 151 -18.14 11.19 23.79
N THR C 152 -19.35 10.70 24.04
CA THR C 152 -19.60 9.27 24.20
C THR C 152 -20.83 8.82 23.44
N ILE C 153 -20.87 7.53 23.16
CA ILE C 153 -22.08 6.88 22.67
C ILE C 153 -22.29 5.59 23.43
N SER C 154 -23.54 5.17 23.51
CA SER C 154 -23.87 3.87 24.11
C SER C 154 -23.31 2.75 23.26
N TRP C 155 -22.84 1.71 23.94
CA TRP C 155 -22.27 0.55 23.28
C TRP C 155 -22.62 -0.65 24.16
N ASP C 156 -23.28 -1.65 23.55
CA ASP C 156 -23.60 -2.86 24.27
C ASP C 156 -22.51 -3.91 24.01
N LEU C 157 -21.86 -4.31 25.09
CA LEU C 157 -20.80 -5.30 25.04
C LEU C 157 -21.42 -6.62 24.54
N GLU C 158 -20.83 -7.21 23.52
CA GLU C 158 -21.15 -8.59 23.14
C GLU C 158 -20.07 -9.46 23.72
N ASN C 159 -20.42 -10.14 24.80
CA ASN C 159 -19.45 -10.78 25.65
C ASN C 159 -18.72 -11.90 24.91
N ASN C 160 -17.39 -11.84 24.94
CA ASN C 160 -16.54 -12.84 24.29
C ASN C 160 -16.67 -12.91 22.76
N GLU C 161 -17.19 -11.86 22.12
CA GLU C 161 -17.26 -11.82 20.65
C GLU C 161 -16.18 -10.87 20.14
N VAL C 162 -15.74 -11.12 18.92
CA VAL C 162 -14.71 -10.30 18.30
C VAL C 162 -15.32 -8.97 17.85
N ALA C 163 -14.74 -7.87 18.32
CA ALA C 163 -15.10 -6.53 17.87
C ALA C 163 -14.05 -6.04 16.90
N ASN C 164 -14.48 -5.47 15.78
CA ASN C 164 -13.56 -4.91 14.78
C ASN C 164 -13.67 -3.40 14.86
N VAL C 165 -12.56 -2.75 15.21
CA VAL C 165 -12.51 -1.30 15.41
C VAL C 165 -11.69 -0.65 14.30
N VAL C 166 -12.14 0.53 13.86
CA VAL C 166 -11.38 1.40 12.99
C VAL C 166 -11.41 2.80 13.62
N ILE C 167 -10.23 3.40 13.77
CA ILE C 167 -10.09 4.77 14.27
C ILE C 167 -9.29 5.53 13.24
N SER C 168 -9.81 6.67 12.81
CA SER C 168 -9.13 7.48 11.80
C SER C 168 -9.14 8.96 12.13
N TYR C 169 -8.11 9.65 11.68
CA TYR C 169 -7.99 11.08 11.84
C TYR C 169 -7.81 11.75 10.47
N GLN C 170 -8.68 12.73 10.20
CA GLN C 170 -8.62 13.55 9.00
C GLN C 170 -8.17 14.95 9.42
N ALA C 171 -6.93 15.25 9.13
CA ALA C 171 -6.28 16.51 9.52
C ALA C 171 -6.99 17.74 8.97
N SER C 172 -7.46 17.66 7.74
CA SER C 172 -8.10 18.80 7.05
C SER C 172 -9.36 19.31 7.75
N THR C 173 -10.08 18.40 8.43
CA THR C 173 -11.27 18.75 9.18
C THR C 173 -11.07 18.62 10.70
N LYS C 174 -9.88 18.24 11.13
CA LYS C 174 -9.55 18.01 12.53
C LYS C 174 -10.52 17.06 13.20
N THR C 175 -10.95 16.03 12.48
CA THR C 175 -11.96 15.14 13.04
C THR C 175 -11.36 13.73 13.24
N LEU C 176 -11.63 13.22 14.44
CA LEU C 176 -11.34 11.84 14.81
C LEU C 176 -12.63 11.02 14.74
N THR C 177 -12.58 9.89 14.03
CA THR C 177 -13.72 8.99 13.90
C THR C 177 -13.35 7.63 14.50
N ALA C 178 -14.27 7.03 15.23
CA ALA C 178 -14.08 5.68 15.75
C ALA C 178 -15.34 4.86 15.50
N SER C 179 -15.16 3.67 14.95
CA SER C 179 -16.27 2.75 14.72
C SER C 179 -15.94 1.38 15.32
N LEU C 180 -16.97 0.65 15.71
CA LEU C 180 -16.86 -0.72 16.18
C LEU C 180 -17.96 -1.54 15.54
N VAL C 181 -17.60 -2.71 15.02
CA VAL C 181 -18.55 -3.62 14.40
C VAL C 181 -18.41 -4.99 15.03
N TYR C 182 -19.56 -5.61 15.37
CA TYR C 182 -19.58 -7.02 15.75
C TYR C 182 -20.25 -7.78 14.59
N PRO C 183 -19.45 -8.44 13.77
CA PRO C 183 -20.07 -9.24 12.67
C PRO C 183 -21.00 -10.37 13.13
N SER C 184 -20.71 -10.97 14.27
CA SER C 184 -21.51 -12.05 14.83
C SER C 184 -22.97 -11.64 15.13
N SER C 185 -23.20 -10.40 15.53
CA SER C 185 -24.56 -9.94 15.83
C SER C 185 -25.12 -8.89 14.86
N SER C 186 -24.33 -8.50 13.85
CA SER C 186 -24.69 -7.44 12.92
C SER C 186 -25.02 -6.14 13.62
N THR C 187 -24.24 -5.79 14.65
CA THR C 187 -24.44 -4.54 15.38
C THR C 187 -23.18 -3.72 15.12
N SER C 188 -23.35 -2.40 15.14
CA SER C 188 -22.26 -1.49 14.81
C SER C 188 -22.48 -0.14 15.45
N TYR C 189 -21.36 0.54 15.71
CA TYR C 189 -21.34 1.79 16.46
C TYR C 189 -20.33 2.74 15.86
N ILE C 190 -20.60 4.03 15.94
CA ILE C 190 -19.69 5.04 15.38
C ILE C 190 -19.86 6.37 16.10
N LEU C 191 -18.75 7.08 16.25
CA LEU C 191 -18.81 8.47 16.67
C LEU C 191 -17.63 9.23 16.13
N ASN C 192 -17.79 10.54 16.07
CA ASN C 192 -16.76 11.40 15.60
C ASN C 192 -16.81 12.73 16.36
N ASP C 193 -15.65 13.38 16.47
CA ASP C 193 -15.55 14.67 17.12
C ASP C 193 -14.35 15.45 16.62
N VAL C 194 -14.38 16.75 16.85
CA VAL C 194 -13.28 17.63 16.56
C VAL C 194 -12.20 17.49 17.64
N VAL C 195 -11.00 17.14 17.20
CA VAL C 195 -9.84 17.04 18.07
C VAL C 195 -8.68 17.61 17.28
N ASP C 196 -8.07 18.69 17.76
CA ASP C 196 -6.96 19.30 17.04
C ASP C 196 -5.63 18.72 17.53
N LEU C 197 -5.11 17.72 16.81
CA LEU C 197 -3.93 16.99 17.27
C LEU C 197 -2.70 17.87 17.43
N LYS C 198 -2.52 18.84 16.55
CA LYS C 198 -1.39 19.78 16.68
C LYS C 198 -1.42 20.53 18.02
N GLN C 199 -2.59 20.89 18.51
CA GLN C 199 -2.71 21.57 19.82
C GLN C 199 -2.61 20.67 21.02
N ILE C 200 -2.91 19.37 20.87
CA ILE C 200 -2.99 18.44 21.99
C ILE C 200 -1.72 17.64 22.18
N LEU C 201 -1.14 17.13 21.10
CA LEU C 201 -0.05 16.17 21.16
C LEU C 201 1.28 16.80 20.76
N PRO C 202 2.39 16.24 21.28
CA PRO C 202 3.69 16.63 20.75
C PRO C 202 3.89 16.14 19.31
N GLU C 203 4.94 16.64 18.66
CA GLU C 203 5.20 16.30 17.26
C GLU C 203 5.38 14.82 17.01
N TYR C 204 6.00 14.12 17.95
CA TYR C 204 6.14 12.67 17.94
C TYR C 204 5.39 12.07 19.11
N VAL C 205 4.71 10.95 18.84
CA VAL C 205 3.97 10.22 19.85
C VAL C 205 4.25 8.73 19.75
N ARG C 206 3.91 8.01 20.80
CA ARG C 206 3.74 6.58 20.69
C ARG C 206 2.26 6.24 20.72
N VAL C 207 1.92 5.16 20.02
CA VAL C 207 0.55 4.71 19.88
C VAL C 207 0.42 3.29 20.40
N GLY C 208 -0.76 2.99 20.90
CA GLY C 208 -1.02 1.64 21.38
C GLY C 208 -2.26 1.48 22.22
N PHE C 209 -2.24 0.44 23.06
CA PHE C 209 -3.38 0.02 23.82
C PHE C 209 -3.12 0.03 25.29
N THR C 210 -4.19 0.18 26.05
CA THR C 210 -4.16 0.03 27.50
C THR C 210 -5.47 -0.60 27.93
N ALA C 211 -5.41 -1.38 29.00
CA ALA C 211 -6.62 -1.93 29.56
C ALA C 211 -6.44 -2.23 31.03
N ALA C 212 -7.55 -2.22 31.76
CA ALA C 212 -7.56 -2.46 33.19
C ALA C 212 -8.77 -3.29 33.62
N SER C 213 -8.55 -4.26 34.49
CA SER C 213 -9.64 -4.99 35.14
C SER C 213 -10.03 -4.26 36.44
N GLY C 214 -11.18 -4.64 37.00
CA GLY C 214 -11.73 -3.91 38.12
C GLY C 214 -10.91 -4.06 39.40
N LEU C 215 -11.10 -3.10 40.30
CA LEU C 215 -10.37 -3.05 41.57
C LEU C 215 -11.03 -3.83 42.73
N SER C 216 -12.08 -4.59 42.45
CA SER C 216 -12.62 -5.56 43.40
C SER C 216 -12.67 -6.91 42.70
N LYS C 217 -12.59 -7.99 43.49
CA LYS C 217 -12.38 -9.34 42.96
C LYS C 217 -13.49 -9.87 42.08
N ASP C 218 -14.70 -9.40 42.28
CA ASP C 218 -15.85 -9.85 41.47
C ASP C 218 -16.14 -8.96 40.24
N HIS C 219 -15.34 -7.92 40.02
CA HIS C 219 -15.52 -7.02 38.87
C HIS C 219 -14.37 -7.19 37.88
N VAL C 220 -14.40 -8.29 37.12
CA VAL C 220 -13.28 -8.66 36.29
C VAL C 220 -13.70 -8.99 34.88
N GLU C 221 -12.75 -8.87 33.96
CA GLU C 221 -12.95 -9.27 32.58
C GLU C 221 -11.57 -9.33 31.92
N THR C 222 -11.48 -10.08 30.83
CA THR C 222 -10.28 -10.12 30.00
C THR C 222 -10.31 -9.00 28.96
N HIS C 223 -9.14 -8.58 28.49
CA HIS C 223 -9.02 -7.60 27.41
C HIS C 223 -7.92 -8.05 26.47
N ASP C 224 -8.31 -8.66 25.34
CA ASP C 224 -7.34 -9.23 24.40
C ASP C 224 -7.42 -8.52 23.06
N VAL C 225 -6.25 -8.14 22.53
CA VAL C 225 -6.15 -7.64 21.15
C VAL C 225 -5.64 -8.77 20.24
N LEU C 226 -6.39 -9.05 19.17
CA LEU C 226 -6.11 -10.16 18.29
C LEU C 226 -5.30 -9.76 17.06
N ALA C 227 -5.44 -8.52 16.62
CA ALA C 227 -4.83 -8.04 15.38
C ALA C 227 -4.81 -6.53 15.39
N TRP C 228 -3.89 -5.93 14.64
CA TRP C 228 -3.68 -4.48 14.68
C TRP C 228 -2.97 -4.03 13.42
N THR C 229 -3.53 -3.03 12.74
CA THR C 229 -2.85 -2.33 11.66
C THR C 229 -2.82 -0.83 11.98
N PHE C 230 -1.80 -0.15 11.49
CA PHE C 230 -1.67 1.30 11.67
C PHE C 230 -1.00 1.89 10.43
N ASP C 231 -1.49 3.05 9.99
CA ASP C 231 -0.92 3.78 8.86
C ASP C 231 -1.03 5.25 9.16
N SER C 232 0.07 5.98 9.03
CA SER C 232 0.04 7.44 9.16
C SER C 232 0.72 8.07 7.96
N ASP C 233 0.31 9.27 7.61
CA ASP C 233 0.84 9.97 6.43
C ASP C 233 0.94 11.46 6.79
N LEU C 234 2.16 11.96 6.91
CA LEU C 234 2.44 13.35 7.14
C LEU C 234 2.77 13.96 5.76
N PRO C 235 1.87 14.79 5.21
CA PRO C 235 2.04 15.25 3.84
C PRO C 235 3.10 16.35 3.71
N ASP C 236 3.48 16.62 2.48
CA ASP C 236 4.28 17.80 2.15
C ASP C 236 3.44 19.05 2.35
N PRO C 237 4.09 20.20 2.61
CA PRO C 237 3.33 21.46 2.73
C PRO C 237 2.60 21.84 1.44
N SER C 238 1.42 22.46 1.59
CA SER C 238 0.43 22.71 0.52
C SER C 238 0.28 21.74 -0.67
N LYS D 1 0.92 -13.13 10.25
CA LYS D 1 1.59 -12.25 9.26
C LYS D 1 1.95 -10.91 9.92
N GLU D 2 3.14 -10.40 9.64
CA GLU D 2 3.57 -9.09 10.13
C GLU D 2 4.24 -8.29 9.02
N THR D 3 3.89 -7.00 8.92
CA THR D 3 4.58 -6.09 8.00
C THR D 3 5.01 -4.83 8.74
N THR D 4 6.09 -4.22 8.22
CA THR D 4 6.59 -2.93 8.69
C THR D 4 6.92 -2.12 7.46
N SER D 5 6.60 -0.83 7.51
CA SER D 5 6.83 0.01 6.38
C SER D 5 7.08 1.45 6.83
N PHE D 6 7.95 2.14 6.10
CA PHE D 6 8.12 3.58 6.30
C PHE D 6 8.65 4.27 5.06
N VAL D 7 8.35 5.57 4.97
CA VAL D 7 8.79 6.41 3.88
C VAL D 7 9.28 7.75 4.46
N PHE D 8 10.42 8.22 3.96
CA PHE D 8 10.89 9.57 4.14
C PHE D 8 11.22 10.07 2.73
N THR D 9 10.52 11.09 2.23
CA THR D 9 10.96 11.71 0.97
C THR D 9 11.94 12.85 1.26
N ARG D 10 12.03 13.23 2.52
CA ARG D 10 13.07 14.09 3.04
C ARG D 10 13.07 13.92 4.56
N PHE D 11 14.05 14.49 5.25
CA PHE D 11 14.18 14.30 6.68
C PHE D 11 13.98 15.60 7.45
N SER D 12 13.35 15.50 8.61
CA SER D 12 13.09 16.66 9.48
C SER D 12 14.16 16.74 10.54
N PRO D 13 14.45 17.94 11.07
CA PRO D 13 15.44 18.06 12.15
C PRO D 13 14.96 17.30 13.39
N ASP D 14 15.85 16.77 14.21
CA ASP D 14 15.44 15.93 15.34
C ASP D 14 14.42 14.80 14.98
N PRO D 15 14.83 13.89 14.10
CA PRO D 15 13.96 12.77 13.72
C PRO D 15 13.90 11.72 14.83
N GLN D 16 12.89 11.81 15.68
CA GLN D 16 12.78 10.92 16.86
C GLN D 16 12.47 9.45 16.55
N ASN D 17 12.08 9.13 15.32
CA ASN D 17 11.95 7.72 14.89
C ASN D 17 13.20 7.18 14.18
N LEU D 18 14.28 7.96 14.19
CA LEU D 18 15.58 7.50 13.78
C LEU D 18 16.54 7.56 14.95
N LEU D 19 17.38 6.52 15.05
CA LEU D 19 18.46 6.48 16.02
C LEU D 19 19.73 6.97 15.31
N LEU D 20 20.17 8.19 15.62
CA LEU D 20 21.35 8.78 14.99
C LEU D 20 22.56 8.45 15.85
N GLN D 21 23.62 7.94 15.23
CA GLN D 21 24.83 7.52 15.94
C GLN D 21 26.03 8.21 15.31
N GLY D 22 27.05 8.46 16.15
CA GLY D 22 28.24 9.19 15.71
C GLY D 22 27.92 10.60 15.26
N ASP D 23 28.44 10.99 14.09
CA ASP D 23 28.39 12.39 13.63
C ASP D 23 27.13 12.80 12.88
N THR D 24 26.18 11.89 12.69
CA THR D 24 25.03 12.17 11.82
C THR D 24 24.19 13.35 12.29
N VAL D 25 23.85 14.24 11.36
CA VAL D 25 22.89 15.32 11.60
C VAL D 25 21.92 15.38 10.43
N VAL D 26 20.80 16.04 10.64
CA VAL D 26 19.87 16.37 9.58
C VAL D 26 20.12 17.81 9.18
N THR D 27 20.27 18.06 7.89
CA THR D 27 20.56 19.42 7.41
C THR D 27 19.29 20.22 7.24
N SER D 28 19.44 21.53 7.07
CA SER D 28 18.30 22.41 6.83
C SER D 28 17.66 22.13 5.45
N SER D 29 18.41 21.55 4.51
CA SER D 29 17.82 21.11 3.24
C SER D 29 17.11 19.74 3.32
N GLY D 30 17.04 19.13 4.51
CA GLY D 30 16.32 17.89 4.71
C GLY D 30 17.07 16.60 4.37
N HIS D 31 18.41 16.66 4.41
CA HIS D 31 19.25 15.50 4.11
C HIS D 31 19.77 14.90 5.39
N LEU D 32 19.97 13.59 5.35
CA LEU D 32 20.65 12.88 6.41
C LEU D 32 22.15 12.95 6.09
N GLN D 33 22.86 13.82 6.81
CA GLN D 33 24.27 14.04 6.56
C GLN D 33 25.06 13.14 7.51
N LEU D 34 25.55 12.03 6.99
CA LEU D 34 26.12 10.99 7.85
C LEU D 34 27.52 11.36 8.34
N THR D 35 28.30 12.01 7.49
CA THR D 35 29.63 12.46 7.87
C THR D 35 29.72 13.98 7.86
N GLN D 36 30.58 14.47 8.75
CA GLN D 36 30.60 15.86 9.15
C GLN D 36 31.05 16.77 7.99
N VAL D 37 30.45 17.95 7.95
CA VAL D 37 30.76 18.99 6.99
C VAL D 37 30.99 20.27 7.79
N LYS D 38 32.02 21.02 7.42
CA LYS D 38 32.44 22.23 8.13
C LYS D 38 32.78 23.29 7.08
N ASP D 39 32.02 24.38 7.11
CA ASP D 39 32.22 25.50 6.15
C ASP D 39 32.11 25.01 4.70
N GLY D 40 31.12 24.16 4.44
CA GLY D 40 30.91 23.55 3.12
C GLY D 40 31.88 22.45 2.68
N GLU D 41 32.84 22.06 3.53
CA GLU D 41 33.87 21.08 3.17
C GLU D 41 33.76 19.83 4.05
N PRO D 42 33.96 18.63 3.45
CA PRO D 42 33.90 17.41 4.28
C PRO D 42 35.06 17.32 5.24
N VAL D 43 34.79 16.81 6.44
CA VAL D 43 35.78 16.66 7.49
C VAL D 43 36.26 15.22 7.50
N TYR D 44 37.57 15.04 7.72
CA TYR D 44 38.17 13.71 7.76
C TYR D 44 37.87 13.01 9.09
N SER D 45 38.08 11.70 9.09
CA SER D 45 37.93 10.88 10.28
C SER D 45 36.53 11.02 10.92
N SER D 46 35.51 11.11 10.08
CA SER D 46 34.14 11.25 10.52
C SER D 46 33.40 9.94 10.28
N LEU D 47 32.51 9.59 11.19
CA LEU D 47 31.71 8.37 11.12
C LEU D 47 30.31 8.69 11.61
N GLY D 48 29.29 8.37 10.82
CA GLY D 48 27.91 8.52 11.24
C GLY D 48 27.04 7.38 10.78
N ARG D 49 26.06 7.03 11.62
CA ARG D 49 25.05 6.03 11.28
C ARG D 49 23.66 6.58 11.59
N ALA D 50 22.65 5.93 11.01
CA ALA D 50 21.26 6.26 11.23
C ALA D 50 20.42 5.00 11.06
N LEU D 51 19.68 4.64 12.10
CA LEU D 51 18.87 3.43 12.11
C LEU D 51 17.42 3.79 12.31
N TYR D 52 16.52 3.06 11.67
CA TYR D 52 15.10 3.18 12.04
C TYR D 52 14.91 2.70 13.48
N TYR D 53 14.11 3.42 14.25
CA TYR D 53 13.96 3.16 15.67
C TYR D 53 13.37 1.79 16.00
N ALA D 54 12.33 1.39 15.27
CA ALA D 54 11.68 0.09 15.54
C ALA D 54 12.50 -1.08 15.03
N PRO D 55 12.68 -2.12 15.85
CA PRO D 55 13.19 -3.37 15.32
C PRO D 55 12.29 -3.95 14.23
N ILE D 56 12.90 -4.62 13.27
CA ILE D 56 12.22 -5.26 12.16
C ILE D 56 12.24 -6.76 12.43
N HIS D 57 11.09 -7.39 12.29
CA HIS D 57 10.97 -8.83 12.47
C HIS D 57 11.30 -9.53 11.17
N ILE D 58 12.52 -10.06 11.08
CA ILE D 58 13.05 -10.56 9.81
C ILE D 58 12.90 -12.08 9.65
N TRP D 59 12.85 -12.81 10.76
CA TRP D 59 12.41 -14.21 10.75
C TRP D 59 11.85 -14.61 12.10
N ASP D 60 11.11 -15.71 12.10
CA ASP D 60 10.36 -16.15 13.29
C ASP D 60 10.59 -17.63 13.55
N SER D 61 11.25 -17.94 14.67
CA SER D 61 11.53 -19.34 15.04
C SER D 61 10.27 -20.12 15.42
N ASN D 62 9.24 -19.43 15.88
CA ASN D 62 7.98 -20.07 16.26
C ASN D 62 7.23 -20.68 15.07
N THR D 63 7.24 -19.99 13.93
CA THR D 63 6.53 -20.44 12.73
C THR D 63 7.46 -20.89 11.59
N ASP D 64 8.77 -20.83 11.82
CA ASP D 64 9.79 -21.10 10.80
C ASP D 64 9.57 -20.32 9.48
N THR D 65 9.25 -19.04 9.60
CA THR D 65 9.07 -18.17 8.44
C THR D 65 10.19 -17.15 8.36
N VAL D 66 10.42 -16.64 7.15
CA VAL D 66 11.46 -15.63 6.90
C VAL D 66 10.84 -14.50 6.09
N ALA D 67 11.18 -13.27 6.42
CA ALA D 67 10.59 -12.10 5.77
C ALA D 67 11.21 -11.82 4.41
N ASN D 68 10.40 -11.25 3.51
CA ASN D 68 10.90 -10.52 2.35
C ASN D 68 11.08 -9.08 2.78
N PHE D 69 11.97 -8.34 2.12
CA PHE D 69 12.00 -6.90 2.30
C PHE D 69 12.46 -6.22 1.03
N VAL D 70 12.13 -4.93 0.93
CA VAL D 70 12.64 -4.09 -0.13
C VAL D 70 12.86 -2.69 0.46
N THR D 71 14.04 -2.14 0.20
CA THR D 71 14.35 -0.78 0.61
C THR D 71 14.81 0.01 -0.61
N SER D 72 14.43 1.27 -0.66
CA SER D 72 14.96 2.18 -1.68
C SER D 72 15.50 3.40 -1.00
N PHE D 73 16.55 3.97 -1.56
CA PHE D 73 17.06 5.23 -1.06
C PHE D 73 17.83 5.97 -2.13
N SER D 74 17.96 7.27 -1.90
CA SER D 74 18.76 8.13 -2.74
C SER D 74 19.89 8.69 -1.91
N PHE D 75 21.08 8.72 -2.48
CA PHE D 75 22.24 9.28 -1.80
C PHE D 75 23.13 10.04 -2.74
N VAL D 76 23.95 10.91 -2.15
CA VAL D 76 24.94 11.68 -2.87
C VAL D 76 26.27 11.59 -2.13
N ILE D 77 27.35 11.31 -2.87
CA ILE D 77 28.70 11.40 -2.37
C ILE D 77 29.39 12.50 -3.17
N ASP D 78 29.98 13.46 -2.47
CA ASP D 78 30.72 14.57 -3.08
C ASP D 78 32.15 14.59 -2.53
N ALA D 79 33.10 14.24 -3.38
CA ALA D 79 34.52 14.22 -3.06
C ALA D 79 35.17 15.40 -3.77
N PRO D 80 35.78 16.34 -3.03
CA PRO D 80 36.50 17.48 -3.67
C PRO D 80 37.58 17.03 -4.67
N ASN D 81 38.26 15.93 -4.35
CA ASN D 81 39.20 15.28 -5.23
C ASN D 81 38.81 13.82 -5.36
N LYS D 82 38.25 13.46 -6.51
CA LYS D 82 37.71 12.13 -6.72
C LYS D 82 38.77 11.02 -6.60
N ALA D 83 40.01 11.33 -7.00
CA ALA D 83 41.12 10.38 -6.87
C ALA D 83 41.42 10.03 -5.41
N LYS D 84 41.11 10.93 -4.49
CA LYS D 84 41.32 10.72 -3.06
C LYS D 84 40.00 10.49 -2.28
N ALA D 85 39.01 9.90 -2.91
CA ALA D 85 37.73 9.63 -2.25
C ALA D 85 37.94 8.58 -1.15
N ALA D 86 37.30 8.77 0.01
CA ALA D 86 37.27 7.73 1.06
C ALA D 86 36.20 8.07 2.09
N ASP D 87 35.58 7.10 2.75
CA ASP D 87 35.69 5.65 2.57
C ASP D 87 34.46 4.98 1.98
N GLY D 88 33.29 5.58 2.17
CA GLY D 88 32.06 5.10 1.53
C GLY D 88 30.88 5.04 2.47
N LEU D 89 29.83 4.37 2.00
CA LEU D 89 28.53 4.35 2.62
C LEU D 89 28.01 2.92 2.51
N ALA D 90 27.23 2.48 3.50
CA ALA D 90 26.57 1.19 3.44
C ALA D 90 25.17 1.23 4.00
N PHE D 91 24.31 0.38 3.42
CA PHE D 91 23.04 0.05 4.01
C PHE D 91 23.26 -1.26 4.73
N PHE D 92 22.71 -1.40 5.93
CA PHE D 92 22.93 -2.63 6.71
C PHE D 92 21.79 -3.05 7.60
N LEU D 93 21.82 -4.34 7.95
CA LEU D 93 20.97 -4.94 8.95
C LEU D 93 21.89 -5.51 10.04
N ALA D 94 21.52 -5.31 11.30
CA ALA D 94 22.37 -5.67 12.43
C ALA D 94 21.52 -5.97 13.67
N PRO D 95 22.12 -6.54 14.72
CA PRO D 95 21.34 -6.72 15.95
C PRO D 95 20.74 -5.41 16.49
N VAL D 96 19.63 -5.52 17.19
CA VAL D 96 18.91 -4.35 17.66
C VAL D 96 19.77 -3.37 18.47
N ASP D 97 20.69 -3.91 19.26
CA ASP D 97 21.59 -3.08 20.09
C ASP D 97 22.89 -2.63 19.40
N THR D 98 22.95 -2.74 18.06
CA THR D 98 24.12 -2.35 17.30
C THR D 98 24.60 -0.92 17.62
N GLU D 99 25.91 -0.79 17.77
CA GLU D 99 26.62 0.46 18.04
C GLU D 99 27.71 0.64 16.99
N PRO D 100 28.11 1.90 16.71
CA PRO D 100 29.17 2.14 15.72
C PRO D 100 30.49 1.48 16.11
N GLN D 101 31.15 0.87 15.14
CA GLN D 101 32.42 0.19 15.36
C GLN D 101 33.54 1.09 14.80
N LYS D 102 34.57 0.50 14.18
CA LYS D 102 35.72 1.30 13.74
C LYS D 102 35.42 2.18 12.52
N PRO D 103 36.05 3.37 12.46
CA PRO D 103 35.88 4.28 11.35
C PRO D 103 36.68 3.89 10.09
N GLY D 104 36.79 4.81 9.14
CA GLY D 104 37.59 4.59 7.96
C GLY D 104 37.04 3.45 7.11
N GLY D 105 37.92 2.57 6.66
CA GLY D 105 37.57 1.51 5.71
C GLY D 105 36.70 0.43 6.28
N LEU D 106 36.55 0.38 7.61
CA LEU D 106 35.64 -0.55 8.25
C LEU D 106 34.20 -0.01 8.33
N LEU D 107 34.01 1.24 7.90
CA LEU D 107 32.72 1.85 7.59
C LEU D 107 31.78 1.95 8.79
N GLY D 108 32.33 1.92 9.99
CA GLY D 108 31.52 1.90 11.20
C GLY D 108 30.81 0.58 11.49
N LEU D 109 31.08 -0.46 10.70
CA LEU D 109 30.35 -1.71 10.76
C LEU D 109 31.08 -2.80 11.54
N PHE D 110 32.40 -2.83 11.42
CA PHE D 110 33.19 -3.95 11.98
C PHE D 110 34.33 -3.39 12.84
N HIS D 111 34.75 -4.22 13.79
CA HIS D 111 35.85 -3.92 14.71
C HIS D 111 37.24 -4.26 14.09
N ASP D 112 37.26 -5.17 13.13
CA ASP D 112 38.50 -5.56 12.44
C ASP D 112 38.16 -6.07 11.04
N ASP D 113 39.17 -6.53 10.31
CA ASP D 113 39.00 -7.01 8.93
C ASP D 113 38.79 -8.52 8.81
N ARG D 114 38.44 -9.19 9.91
CA ARG D 114 38.24 -10.63 9.89
C ARG D 114 36.76 -10.99 9.69
N HIS D 115 36.51 -12.25 9.40
CA HIS D 115 35.16 -12.75 9.30
C HIS D 115 34.86 -13.23 10.71
N ASN D 116 33.69 -12.86 11.23
CA ASN D 116 33.23 -13.34 12.53
C ASN D 116 31.69 -13.50 12.52
N LYS D 117 31.26 -14.75 12.69
CA LYS D 117 29.81 -15.09 12.70
C LYS D 117 29.00 -14.37 13.77
N SER D 118 29.65 -13.99 14.86
CA SER D 118 28.99 -13.24 15.92
C SER D 118 28.76 -11.77 15.60
N ASN D 119 29.28 -11.26 14.48
CA ASN D 119 28.92 -9.91 14.04
C ASN D 119 27.42 -9.79 13.73
N HIS D 120 26.85 -10.82 13.13
CA HIS D 120 25.45 -10.81 12.68
C HIS D 120 25.13 -9.56 11.84
N ILE D 121 25.94 -9.29 10.82
CA ILE D 121 25.77 -8.14 9.94
C ILE D 121 25.61 -8.60 8.49
N VAL D 122 24.60 -8.05 7.82
CA VAL D 122 24.50 -8.11 6.38
C VAL D 122 24.50 -6.66 5.90
N ALA D 123 25.32 -6.35 4.90
CA ALA D 123 25.42 -4.99 4.39
C ALA D 123 25.65 -4.95 2.88
N VAL D 124 25.20 -3.86 2.28
CA VAL D 124 25.54 -3.54 0.92
C VAL D 124 26.35 -2.26 0.99
N GLU D 125 27.59 -2.32 0.52
CA GLU D 125 28.52 -1.20 0.61
C GLU D 125 28.76 -0.52 -0.73
N PHE D 126 28.97 0.78 -0.66
CA PHE D 126 29.33 1.63 -1.76
C PHE D 126 30.69 2.18 -1.38
N ASP D 127 31.73 1.49 -1.85
CA ASP D 127 33.09 1.59 -1.31
C ASP D 127 33.98 2.42 -2.23
N THR D 128 34.40 3.58 -1.74
CA THR D 128 35.16 4.54 -2.52
C THR D 128 36.69 4.49 -2.34
N PHE D 129 37.20 3.64 -1.44
CA PHE D 129 38.64 3.56 -1.17
C PHE D 129 39.14 2.14 -1.14
N LYS D 130 40.22 1.88 -1.88
CA LYS D 130 40.80 0.54 -1.92
C LYS D 130 41.65 0.28 -0.68
N ASN D 131 41.11 -0.52 0.22
CA ASN D 131 41.83 -1.06 1.36
C ASN D 131 42.55 -2.35 0.93
N SER D 132 43.37 -2.88 1.83
CA SER D 132 44.17 -4.06 1.54
C SER D 132 43.31 -5.29 1.20
N TRP D 133 42.10 -5.35 1.76
CA TRP D 133 41.14 -6.43 1.49
C TRP D 133 40.22 -6.21 0.28
N ASP D 134 40.32 -5.07 -0.39
CA ASP D 134 39.38 -4.70 -1.46
C ASP D 134 39.80 -5.11 -2.87
N PRO D 135 38.83 -5.26 -3.78
CA PRO D 135 39.19 -5.35 -5.18
C PRO D 135 39.71 -4.00 -5.70
N GLU D 136 40.31 -4.01 -6.88
CA GLU D 136 40.77 -2.79 -7.52
C GLU D 136 39.58 -1.93 -7.90
N GLY D 137 39.68 -0.63 -7.62
CA GLY D 137 38.70 0.35 -8.04
C GLY D 137 37.50 0.49 -7.10
N THR D 138 36.77 1.58 -7.27
CA THR D 138 35.55 1.77 -6.50
C THR D 138 34.53 0.68 -6.88
N HIS D 139 33.75 0.24 -5.91
CA HIS D 139 32.92 -0.96 -6.10
C HIS D 139 31.74 -0.99 -5.14
N ILE D 140 30.74 -1.77 -5.54
CA ILE D 140 29.62 -2.10 -4.73
C ILE D 140 29.86 -3.53 -4.26
N GLY D 141 29.58 -3.78 -2.99
CA GLY D 141 29.77 -5.06 -2.39
C GLY D 141 28.63 -5.56 -1.53
N ILE D 142 28.45 -6.87 -1.53
CA ILE D 142 27.56 -7.54 -0.60
C ILE D 142 28.43 -8.18 0.47
N ASN D 143 28.19 -7.79 1.73
CA ASN D 143 29.00 -8.21 2.86
C ASN D 143 28.16 -8.99 3.84
N VAL D 144 28.71 -10.10 4.32
CA VAL D 144 28.10 -10.94 5.34
C VAL D 144 29.16 -11.21 6.42
N ASN D 145 29.00 -10.58 7.59
CA ASN D 145 29.86 -10.83 8.74
C ASN D 145 31.33 -10.44 8.58
N SER D 146 31.64 -9.65 7.56
CA SER D 146 33.00 -9.25 7.25
C SER D 146 32.99 -8.04 6.36
N ILE D 147 34.01 -7.19 6.50
CA ILE D 147 34.30 -6.12 5.56
C ILE D 147 34.80 -6.63 4.20
N VAL D 148 35.23 -7.89 4.16
CA VAL D 148 35.69 -8.54 2.94
C VAL D 148 34.45 -9.06 2.24
N SER D 149 34.02 -8.37 1.19
CA SER D 149 32.76 -8.67 0.54
C SER D 149 32.72 -10.09 -0.05
N ARG D 150 31.56 -10.72 0.08
CA ARG D 150 31.27 -11.97 -0.59
C ARG D 150 31.29 -11.83 -2.12
N LYS D 151 30.77 -10.72 -2.61
CA LYS D 151 30.67 -10.47 -4.01
C LYS D 151 30.74 -8.97 -4.24
N THR D 152 31.45 -8.58 -5.30
CA THR D 152 31.59 -7.15 -5.65
C THR D 152 31.44 -6.95 -7.14
N ILE D 153 31.08 -5.73 -7.51
CA ILE D 153 31.11 -5.28 -8.89
C ILE D 153 31.72 -3.91 -8.94
N SER D 154 32.33 -3.57 -10.07
CA SER D 154 32.87 -2.24 -10.28
C SER D 154 31.74 -1.21 -10.33
N TRP D 155 32.00 -0.05 -9.77
CA TRP D 155 31.04 1.04 -9.72
C TRP D 155 31.83 2.33 -9.83
N ASP D 156 31.52 3.16 -10.81
CA ASP D 156 32.16 4.47 -10.95
C ASP D 156 31.33 5.52 -10.23
N LEU D 157 31.92 6.12 -9.21
CA LEU D 157 31.29 7.21 -8.48
C LEU D 157 31.04 8.35 -9.45
N GLU D 158 29.79 8.82 -9.52
CA GLU D 158 29.47 10.04 -10.27
C GLU D 158 29.38 11.13 -9.22
N ASN D 159 30.42 11.96 -9.21
CA ASN D 159 30.67 12.83 -8.10
C ASN D 159 29.57 13.89 -7.96
N ASN D 160 29.00 13.97 -6.77
CA ASN D 160 27.90 14.90 -6.48
C ASN D 160 26.60 14.69 -7.28
N GLU D 161 26.39 13.50 -7.86
CA GLU D 161 25.13 13.18 -8.55
C GLU D 161 24.28 12.28 -7.65
N VAL D 162 22.97 12.36 -7.83
CA VAL D 162 22.04 11.55 -7.05
C VAL D 162 22.07 10.10 -7.53
N ALA D 163 22.32 9.17 -6.63
CA ALA D 163 22.24 7.74 -6.92
C ALA D 163 20.93 7.20 -6.31
N ASN D 164 20.18 6.41 -7.07
CA ASN D 164 18.98 5.76 -6.60
C ASN D 164 19.27 4.27 -6.42
N VAL D 165 19.17 3.80 -5.17
CA VAL D 165 19.46 2.42 -4.80
C VAL D 165 18.18 1.69 -4.45
N VAL D 166 18.10 0.41 -4.86
CA VAL D 166 17.10 -0.53 -4.40
C VAL D 166 17.79 -1.78 -3.92
N ILE D 167 17.46 -2.22 -2.71
CA ILE D 167 17.97 -3.47 -2.14
C ILE D 167 16.79 -4.30 -1.74
N SER D 168 16.74 -5.55 -2.19
CA SER D 168 15.61 -6.43 -1.91
C SER D 168 16.06 -7.83 -1.52
N TYR D 169 15.24 -8.47 -0.70
CA TYR D 169 15.48 -9.84 -0.27
C TYR D 169 14.24 -10.70 -0.57
N GLN D 170 14.46 -11.79 -1.29
CA GLN D 170 13.45 -12.78 -1.63
C GLN D 170 13.75 -14.02 -0.81
N ALA D 171 12.95 -14.24 0.23
CA ALA D 171 13.17 -15.34 1.18
C ALA D 171 13.12 -16.71 0.53
N SER D 172 12.21 -16.89 -0.41
CA SER D 172 11.99 -18.20 -1.04
C SER D 172 13.22 -18.71 -1.80
N THR D 173 14.05 -17.79 -2.33
CA THR D 173 15.26 -18.15 -3.02
C THR D 173 16.53 -17.73 -2.25
N LYS D 174 16.35 -17.16 -1.06
CA LYS D 174 17.44 -16.67 -0.22
C LYS D 174 18.35 -15.71 -0.97
N THR D 175 17.78 -14.85 -1.81
CA THR D 175 18.59 -13.99 -2.66
C THR D 175 18.45 -12.53 -2.26
N LEU D 176 19.59 -11.89 -2.05
CA LEU D 176 19.68 -10.46 -1.82
C LEU D 176 20.14 -9.79 -3.12
N THR D 177 19.40 -8.78 -3.57
CA THR D 177 19.71 -8.06 -4.80
C THR D 177 19.91 -6.58 -4.48
N ALA D 178 20.92 -5.96 -5.09
CA ALA D 178 21.18 -4.54 -4.91
C ALA D 178 21.42 -3.90 -6.28
N SER D 179 20.75 -2.78 -6.54
CA SER D 179 20.94 -2.04 -7.78
C SER D 179 21.21 -0.58 -7.46
N LEU D 180 21.95 0.08 -8.34
CA LEU D 180 22.16 1.52 -8.25
C LEU D 180 22.01 2.11 -9.64
N VAL D 181 21.25 3.20 -9.71
CA VAL D 181 21.04 3.93 -10.95
C VAL D 181 21.41 5.39 -10.74
N TYR D 182 22.12 5.97 -11.69
CA TYR D 182 22.30 7.41 -11.79
C TYR D 182 21.43 7.93 -12.94
N PRO D 183 20.27 8.51 -12.61
CA PRO D 183 19.38 8.99 -13.68
C PRO D 183 19.98 10.09 -14.55
N SER D 184 20.84 10.93 -13.98
CA SER D 184 21.50 12.02 -14.73
C SER D 184 22.31 11.51 -15.93
N SER D 185 22.95 10.36 -15.81
CA SER D 185 23.78 9.79 -16.89
C SER D 185 23.24 8.51 -17.51
N SER D 186 22.09 8.03 -17.03
CA SER D 186 21.53 6.72 -17.44
C SER D 186 22.52 5.58 -17.28
N THR D 187 23.23 5.57 -16.16
CA THR D 187 24.20 4.51 -15.85
C THR D 187 23.61 3.68 -14.70
N SER D 188 23.79 2.37 -14.77
CA SER D 188 23.15 1.49 -13.81
C SER D 188 23.99 0.25 -13.52
N TYR D 189 23.80 -0.27 -12.30
CA TYR D 189 24.59 -1.37 -11.76
C TYR D 189 23.70 -2.31 -10.98
N ILE D 190 24.03 -3.59 -10.97
CA ILE D 190 23.24 -4.56 -10.20
C ILE D 190 24.08 -5.77 -9.82
N LEU D 191 23.80 -6.34 -8.65
CA LEU D 191 24.39 -7.62 -8.27
C LEU D 191 23.47 -8.32 -7.30
N ASN D 192 23.64 -9.62 -7.21
CA ASN D 192 22.86 -10.41 -6.30
C ASN D 192 23.65 -11.59 -5.80
N ASP D 193 23.26 -12.11 -4.63
CA ASP D 193 23.92 -13.28 -4.05
C ASP D 193 22.98 -14.02 -3.13
N VAL D 194 23.33 -15.27 -2.88
CA VAL D 194 22.61 -16.09 -1.92
C VAL D 194 23.07 -15.73 -0.50
N VAL D 195 22.13 -15.29 0.32
CA VAL D 195 22.41 -14.91 1.71
C VAL D 195 21.24 -15.46 2.52
N ASP D 196 21.52 -16.39 3.43
CA ASP D 196 20.47 -17.01 4.21
C ASP D 196 20.27 -16.22 5.52
N LEU D 197 19.30 -15.29 5.52
CA LEU D 197 19.14 -14.37 6.65
C LEU D 197 18.87 -15.09 7.97
N LYS D 198 18.09 -16.18 7.93
CA LYS D 198 17.83 -16.96 9.13
C LYS D 198 19.10 -17.49 9.81
N GLN D 199 20.10 -17.85 9.02
CA GLN D 199 21.39 -18.32 9.57
C GLN D 199 22.32 -17.20 10.03
N ILE D 200 22.16 -16.00 9.50
CA ILE D 200 23.10 -14.90 9.74
C ILE D 200 22.64 -13.94 10.84
N LEU D 201 21.36 -13.58 10.79
CA LEU D 201 20.82 -12.50 11.60
C LEU D 201 19.95 -13.04 12.72
N PRO D 202 19.85 -12.29 13.83
CA PRO D 202 18.82 -12.62 14.82
C PRO D 202 17.41 -12.36 14.29
N GLU D 203 16.43 -12.84 15.03
CA GLU D 203 15.02 -12.72 14.60
C GLU D 203 14.57 -11.28 14.40
N TYR D 204 15.06 -10.39 15.24
CA TYR D 204 14.83 -8.95 15.11
C TYR D 204 16.13 -8.24 14.87
N VAL D 205 16.08 -7.26 13.96
CA VAL D 205 17.22 -6.45 13.61
C VAL D 205 16.84 -4.98 13.55
N ARG D 206 17.85 -4.12 13.58
CA ARG D 206 17.66 -2.75 13.13
C ARG D 206 18.31 -2.58 11.77
N VAL D 207 17.75 -1.67 10.99
CA VAL D 207 18.18 -1.39 9.64
C VAL D 207 18.55 0.07 9.52
N GLY D 208 19.51 0.34 8.65
CA GLY D 208 19.88 1.72 8.38
C GLY D 208 21.15 1.90 7.60
N PHE D 209 21.77 3.06 7.81
CA PHE D 209 22.91 3.50 7.05
C PHE D 209 24.10 3.76 7.92
N THR D 210 25.27 3.66 7.31
CA THR D 210 26.53 4.04 7.95
C THR D 210 27.45 4.59 6.88
N ALA D 211 28.29 5.52 7.26
CA ALA D 211 29.24 6.08 6.33
C ALA D 211 30.43 6.67 7.06
N ALA D 212 31.57 6.68 6.38
CA ALA D 212 32.83 7.14 6.98
C ALA D 212 33.67 7.89 5.95
N SER D 213 34.25 9.01 6.37
CA SER D 213 35.26 9.70 5.59
C SER D 213 36.64 9.15 5.92
N GLY D 214 37.62 9.48 5.09
CA GLY D 214 38.94 8.90 5.21
C GLY D 214 39.70 9.32 6.48
N LEU D 215 40.66 8.50 6.87
CA LEU D 215 41.47 8.74 8.07
C LEU D 215 42.73 9.57 7.81
N SER D 216 42.88 10.17 6.64
CA SER D 216 43.87 11.21 6.41
C SER D 216 43.16 12.43 5.86
N LYS D 217 43.73 13.61 6.09
CA LYS D 217 43.04 14.89 5.83
C LYS D 217 42.68 15.16 4.40
N ASP D 218 43.44 14.60 3.48
CA ASP D 218 43.19 14.83 2.05
C ASP D 218 42.31 13.74 1.40
N HIS D 219 41.85 12.75 2.18
CA HIS D 219 40.99 11.68 1.64
C HIS D 219 39.58 11.80 2.22
N VAL D 220 38.83 12.75 1.69
CA VAL D 220 37.56 13.11 2.27
C VAL D 220 36.45 13.16 1.24
N GLU D 221 35.22 13.01 1.72
CA GLU D 221 34.04 13.15 0.89
C GLU D 221 32.82 13.26 1.80
N THR D 222 31.74 13.84 1.29
CA THR D 222 30.45 13.87 1.99
C THR D 222 29.65 12.59 1.68
N HIS D 223 28.74 12.23 2.58
CA HIS D 223 27.84 11.10 2.40
C HIS D 223 26.45 11.51 2.88
N ASP D 224 25.57 11.86 1.95
CA ASP D 224 24.23 12.33 2.29
C ASP D 224 23.15 11.38 1.77
N VAL D 225 22.19 11.03 2.64
CA VAL D 225 20.98 10.30 2.22
C VAL D 225 19.83 11.30 2.07
N LEU D 226 19.20 11.31 0.90
CA LEU D 226 18.15 12.28 0.58
C LEU D 226 16.76 11.75 0.81
N ALA D 227 16.56 10.44 0.72
CA ALA D 227 15.21 9.83 0.78
C ALA D 227 15.39 8.35 1.09
N TRP D 228 14.39 7.73 1.70
CA TRP D 228 14.47 6.33 2.12
C TRP D 228 13.08 5.75 2.30
N THR D 229 12.84 4.59 1.67
CA THR D 229 11.65 3.79 1.93
C THR D 229 12.09 2.39 2.34
N PHE D 230 11.25 1.75 3.16
CA PHE D 230 11.52 0.37 3.61
C PHE D 230 10.17 -0.34 3.76
N ASP D 231 10.11 -1.60 3.33
CA ASP D 231 8.92 -2.45 3.49
C ASP D 231 9.39 -3.85 3.77
N SER D 232 8.86 -4.48 4.81
CA SER D 232 9.14 -5.89 5.09
C SER D 232 7.82 -6.63 5.27
N ASP D 233 7.81 -7.92 4.95
CA ASP D 233 6.62 -8.75 5.05
C ASP D 233 7.06 -10.13 5.54
N LEU D 234 6.67 -10.47 6.78
CA LEU D 234 6.90 -11.78 7.36
C LEU D 234 5.60 -12.56 7.18
N PRO D 235 5.59 -13.56 6.28
CA PRO D 235 4.34 -14.25 5.95
C PRO D 235 3.88 -15.22 7.02
N ASP D 236 2.63 -15.65 6.89
CA ASP D 236 2.09 -16.76 7.67
C ASP D 236 2.77 -18.05 7.25
N PRO D 237 2.85 -19.03 8.16
CA PRO D 237 3.42 -20.34 7.78
C PRO D 237 2.60 -21.02 6.67
N SER D 238 3.29 -21.77 5.81
CA SER D 238 2.64 -22.43 4.62
C SER D 238 2.40 -23.87 4.99
C1 NAG E . 3.14 6.01 -39.30
C2 NAG E . 3.15 5.99 -40.82
C3 NAG E . 1.74 6.29 -41.35
C4 NAG E . 0.71 5.31 -40.76
C5 NAG E . 0.75 5.50 -39.23
C6 NAG E . -0.25 4.67 -38.42
C7 NAG E . 5.18 6.62 -42.08
C8 NAG E . 6.04 7.74 -42.59
N2 NAG E . 4.09 6.96 -41.37
O3 NAG E . 1.80 6.15 -42.77
O4 NAG E . -0.60 5.51 -41.32
O5 NAG E . 2.08 5.17 -38.80
O6 NAG E . -0.60 3.45 -39.10
O7 NAG E . 5.49 5.47 -42.32
C1 FUC E . 1.92 7.46 -43.34
C2 FUC E . 2.33 7.33 -44.81
C3 FUC E . 1.23 6.68 -45.64
C4 FUC E . -0.11 7.36 -45.38
C5 FUC E . -0.38 7.49 -43.88
C6 FUC E . -1.69 8.24 -43.64
O2 FUC E . 3.52 6.54 -44.89
O3 FUC E . 1.56 6.78 -47.02
O4 FUC E . -0.12 8.66 -45.98
O5 FUC E . 0.69 8.19 -43.27
C1 NAG F . -0.35 18.10 34.75
C2 NAG F . -0.03 17.86 36.22
C3 NAG F . 1.41 18.21 36.54
C4 NAG F . 2.36 17.47 35.57
C5 NAG F . 1.96 17.72 34.12
C6 NAG F . 2.83 16.90 33.16
C7 NAG F . -1.93 18.17 37.75
C8 NAG F . -2.76 19.16 38.52
N2 NAG F . -0.93 18.67 37.01
O3 NAG F . 1.68 17.74 37.84
O4 NAG F . 3.69 17.99 35.71
O5 NAG F . 0.59 17.35 33.96
O6 NAG F . 2.77 15.53 33.56
O7 NAG F . -2.18 16.98 37.78
C1 NAG F . 4.71 16.98 35.89
C2 NAG F . 6.04 17.71 35.88
C3 NAG F . 7.17 16.76 36.14
C4 NAG F . 6.93 15.91 37.38
C5 NAG F . 5.56 15.21 37.24
C6 NAG F . 5.18 14.36 38.43
C7 NAG F . 6.23 19.70 34.40
C8 NAG F . 6.53 20.17 33.01
N2 NAG F . 6.28 18.37 34.61
O3 NAG F . 8.31 17.56 36.35
O4 NAG F . 8.05 15.01 37.45
O5 NAG F . 4.54 16.20 37.06
O6 NAG F . 3.90 13.74 38.16
O7 NAG F . 5.97 20.51 35.27
C1 BMA F . 8.67 14.82 38.76
C2 BMA F . 8.96 13.33 38.91
C3 BMA F . 9.62 13.02 40.27
C4 BMA F . 10.84 13.89 40.50
C5 BMA F . 10.52 15.36 40.26
C6 BMA F . 11.83 16.11 40.41
O2 BMA F . 9.79 12.86 37.82
O3 BMA F . 10.08 11.67 40.35
O4 BMA F . 11.30 13.67 41.83
O5 BMA F . 9.87 15.60 39.00
O6 BMA F . 12.04 17.02 39.34
C1 XYP F . 9.48 12.12 36.68
C2 XYP F . 10.35 12.46 35.47
C3 XYP F . 10.07 11.47 34.35
C4 XYP F . 10.23 10.04 34.85
C5 XYP F . 9.37 9.79 36.10
O2 XYP F . 10.07 13.78 35.01
O3 XYP F . 10.98 11.71 33.26
O4 XYP F . 9.87 9.15 33.80
O5 XYP F . 9.66 10.76 37.11
C1 MAN F . 9.58 10.93 41.47
C2 MAN F . 10.38 9.63 41.47
C3 MAN F . 10.06 8.82 40.21
C4 MAN F . 8.55 8.63 40.02
C5 MAN F . 7.74 9.92 40.25
C6 MAN F . 6.24 9.64 40.37
O2 MAN F . 10.06 8.85 42.62
O3 MAN F . 10.73 7.56 40.31
O4 MAN F . 8.32 8.16 38.69
O5 MAN F . 8.18 10.63 41.43
O6 MAN F . 5.50 10.73 39.82
C1 MAN F . 13.27 17.75 39.52
C2 MAN F . 13.53 18.54 38.22
C3 MAN F . 14.33 17.75 37.18
C4 MAN F . 15.48 16.97 37.83
C5 MAN F . 14.88 16.07 38.90
C6 MAN F . 15.83 15.04 39.49
O2 MAN F . 14.18 19.77 38.55
O3 MAN F . 14.84 18.63 36.15
O4 MAN F . 16.18 16.22 36.81
O5 MAN F . 14.40 16.95 39.93
O6 MAN F . 15.07 14.22 40.39
C1 FUC F . 1.64 18.70 38.90
C2 FUC F . 2.04 18.08 40.24
C3 FUC F . 3.51 17.76 40.30
C4 FUC F . 4.29 19.02 40.01
C5 FUC F . 3.79 19.64 38.71
C6 FUC F . 4.48 20.97 38.45
O2 FUC F . 1.38 16.88 40.40
O3 FUC F . 3.79 17.18 41.55
O4 FUC F . 4.05 19.92 41.06
O5 FUC F . 2.40 19.85 38.74
C1 NAG G . 33.52 -12.07 17.28
C2 NAG G . 34.78 -11.92 18.10
C3 NAG G . 34.38 -11.73 19.56
C4 NAG G . 33.43 -10.54 19.70
C5 NAG G . 32.20 -10.76 18.83
C6 NAG G . 31.22 -9.59 18.94
C7 NAG G . 36.91 -13.01 17.47
C8 NAG G . 37.60 -14.34 17.32
N2 NAG G . 35.64 -13.08 17.90
O3 NAG G . 35.62 -11.48 20.24
O4 NAG G . 33.01 -10.32 21.06
O5 NAG G . 32.64 -10.96 17.48
O6 NAG G . 30.76 -9.16 17.64
O7 NAG G . 37.50 -11.97 17.21
C1 FUC G . 36.07 -12.71 20.85
C2 FUC G . 37.38 -12.46 21.58
C3 FUC G . 37.16 -11.56 22.79
C4 FUC G . 36.00 -12.05 23.64
C5 FUC G . 34.77 -12.32 22.78
C6 FUC G . 33.63 -12.89 23.62
O2 FUC G . 38.32 -11.85 20.69
O3 FUC G . 38.35 -11.54 23.59
O4 FUC G . 36.38 -13.25 24.33
O5 FUC G . 35.10 -13.25 21.76
CA CA H . 15.00 -9.82 -32.45
MN MN I . 16.05 -6.41 -30.27
C ACT J . 16.04 -13.37 -40.56
O ACT J . 16.97 -12.81 -39.97
OXT ACT J . 15.03 -12.66 -40.86
CH3 ACT J . 16.17 -14.82 -40.89
CAB 6Y2 K . 10.43 -16.69 -46.56
CAC 6Y2 K . 10.93 -16.55 -47.87
CAD 6Y2 K . 10.13 -16.00 -48.89
CAE 6Y2 K . 8.81 -15.60 -48.59
CAF 6Y2 K . 8.31 -15.73 -47.29
CAG 6Y2 K . 9.11 -16.28 -46.29
CAL 6Y2 K . 11.08 -16.67 -44.26
CAO 6Y2 K . 11.77 -17.54 -43.28
CAW 6Y2 K . 11.98 -15.44 -41.82
CBA 6Y2 K . 11.16 -14.77 -42.93
CBK 6Y2 K . 11.62 -10.18 -39.88
CBG 6Y2 K . 11.27 -11.47 -39.15
OBH 6Y2 K . 10.21 -11.59 -38.52
N2 6Y2 K . 12.23 -12.42 -39.20
C2 6Y2 K . 12.07 -13.72 -38.53
C3 6Y2 K . 12.92 -13.77 -37.28
O3 6Y2 K . 12.43 -12.78 -36.34
C4 6Y2 K . 12.90 -15.19 -36.68
O4 6Y2 K . 11.56 -15.54 -36.30
C5 6Y2 K . 13.37 -16.18 -37.75
C6 6Y2 K . 13.48 -17.58 -37.17
O6 6Y2 K . 13.84 -18.47 -38.27
O5 6Y2 K . 12.46 -16.12 -38.86
C1 6Y2 K . 12.51 -14.84 -39.50
O1 6Y2 K . 11.58 -14.87 -40.53
OBB 6Y2 K . 11.58 -15.33 -44.19
CBE 6Y2 K . 11.36 -13.27 -43.00
OBF 6Y2 K . 12.75 -13.02 -43.06
CAS 6Y2 K . 11.68 -16.94 -41.85
OAT 6Y2 K . 12.61 -17.64 -41.04
NAP 6Y2 K . 11.04 -18.82 -43.23
CBI 6Y2 K . 11.66 -19.98 -43.46
OBJ 6Y2 K . 12.85 -20.07 -43.81
CBL 6Y2 K . 10.79 -21.24 -43.31
OAA 6Y2 K . 11.26 -17.24 -45.59
NAH 6Y2 K . 8.03 -15.07 -49.53
OAJ 6Y2 K . 8.00 -15.72 -50.85
OAI 6Y2 K . 7.16 -13.85 -49.18
C1 NAG L . -36.72 -11.77 -13.17
C2 NAG L . -38.15 -11.88 -13.73
C3 NAG L . -38.18 -12.70 -15.04
C4 NAG L . -37.27 -11.99 -16.05
C5 NAG L . -35.84 -12.05 -15.44
C6 NAG L . -34.75 -11.51 -16.36
C7 NAG L . -39.35 -13.54 -12.20
C8 NAG L . -38.54 -14.77 -12.53
N2 NAG L . -39.14 -12.33 -12.75
O3 NAG L . -39.52 -12.88 -15.55
O4 NAG L . -37.38 -12.57 -17.35
O5 NAG L . -35.82 -11.31 -14.21
O6 NAG L . -34.99 -10.14 -16.65
O7 NAG L . -40.25 -13.66 -11.39
CA CA M . -36.72 6.27 -1.99
MN MN N . -35.02 3.24 0.35
C ACT O . -27.94 -13.86 0.71
O ACT O . -27.20 -13.07 1.39
OXT ACT O . -29.10 -13.56 0.33
CH3 ACT O . -27.48 -15.22 0.31
CAB 6Y2 P . -46.64 11.41 -14.05
CAC 6Y2 P . -47.65 12.04 -14.81
CAD 6Y2 P . -47.84 11.67 -16.15
CAE 6Y2 P . -47.03 10.68 -16.75
CAF 6Y2 P . -46.02 10.05 -15.99
CAG 6Y2 P . -45.82 10.41 -14.66
CAL 6Y2 P . -45.32 11.51 -12.10
CAO 6Y2 P . -45.23 12.29 -10.83
CAW 6Y2 P . -43.89 10.44 -9.86
CBA 6Y2 P . -44.14 9.71 -11.22
CBK 6Y2 P . -41.74 5.52 -8.52
CBG 6Y2 P . -41.02 6.86 -8.57
OBH 6Y2 P . -39.94 7.00 -9.17
N2 6Y2 P . -41.66 7.85 -7.94
C2 6Y2 P . -41.11 9.20 -7.91
C3 6Y2 P . -40.37 9.44 -6.57
O3 6Y2 P . -39.27 8.54 -6.42
C4 6Y2 P . -39.94 10.87 -6.51
O4 6Y2 P . -38.97 11.11 -7.54
C5 6Y2 P . -41.17 11.78 -6.75
C6 6Y2 P . -40.78 13.26 -6.63
O6 6Y2 P . -42.02 13.99 -6.74
O5 6Y2 P . -41.72 11.55 -8.08
C1 6Y2 P . -42.23 10.20 -8.13
O1 6Y2 P . -42.60 10.06 -9.47
OBB 6Y2 P . -45.36 10.15 -11.76
CBE 6Y2 P . -44.18 8.18 -11.14
OBF 6Y2 P . -45.13 7.72 -10.14
CAS 6Y2 P . -43.96 11.96 -10.14
OAT 6Y2 P . -43.92 12.75 -8.96
NAP 6Y2 P . -45.20 13.70 -11.24
CBI 6Y2 P . -46.23 14.53 -11.21
OBJ 6Y2 P . -46.15 15.71 -11.58
CBL 6Y2 P . -47.53 14.03 -10.66
OAA 6Y2 P . -46.53 11.83 -12.77
NAH 6Y2 P . -47.24 10.32 -18.05
OAJ 6Y2 P . -48.27 10.94 -18.81
OAI 6Y2 P . -46.42 9.30 -18.62
CA CA Q . -15.42 3.80 33.51
MN MN R . -15.96 6.49 30.35
C ACT S . -16.11 5.16 41.39
O ACT S . -15.35 4.30 41.94
OXT ACT S . -15.68 6.06 40.56
CH3 ACT S . -17.57 5.06 41.77
C ACT T . -8.76 20.74 21.01
O ACT T . -9.25 19.93 20.17
OXT ACT T . -9.02 20.69 22.23
CH3 ACT T . -7.81 21.81 20.55
CAB 6Y2 U . -11.88 1.10 49.26
CAC 6Y2 U . -12.40 1.43 50.52
CAD 6Y2 U . -11.60 2.10 51.46
CAE 6Y2 U . -10.28 2.47 51.13
CAF 6Y2 U . -9.76 2.15 49.88
CAG 6Y2 U . -10.55 1.47 48.94
CAL 6Y2 U . -12.34 0.29 46.99
CAO 6Y2 U . -13.32 -0.61 46.27
CAW 6Y2 U . -12.94 0.90 44.21
CBA 6Y2 U . -11.90 1.65 45.07
CBK 6Y2 U . -11.78 5.02 40.82
CBG 6Y2 U . -11.72 3.54 40.38
OBH 6Y2 U . -10.74 3.09 39.78
N2 6Y2 U . -12.75 2.80 40.80
C2 6Y2 U . -12.89 1.37 40.55
C3 6Y2 U . -13.83 1.13 39.38
O3 6Y2 U . -13.30 1.68 38.15
C4 6Y2 U . -14.10 -0.38 39.27
O4 6Y2 U . -12.87 -1.04 39.04
C5 6Y2 U . -14.68 -0.87 40.62
C6 6Y2 U . -14.98 -2.34 40.55
O6 6Y2 U . -15.46 -2.72 41.86
O5 6Y2 U . -13.66 -0.64 41.63
C1 6Y2 U . -13.47 0.76 41.81
O1 6Y2 U . -12.50 0.94 42.83
OBB 6Y2 U . -12.37 1.64 46.43
CBE 6Y2 U . -11.73 3.11 44.64
OBF 6Y2 U . -13.02 3.75 44.68
CAS 6Y2 U . -13.03 -0.57 44.76
OAT 6Y2 U . -14.10 -1.26 44.15
NAP 6Y2 U . -13.15 -2.01 46.71
CBI 6Y2 U . -14.08 -2.68 47.44
OBJ 6Y2 U . -15.15 -2.19 47.83
CBL 6Y2 U . -13.73 -4.14 47.79
OAA 6Y2 U . -12.72 0.42 48.39
NAH 6Y2 U . -9.50 3.11 52.00
OAJ 6Y2 U . -9.82 4.55 52.34
OAI 6Y2 U . -8.33 2.34 52.57
CA CA V . 37.32 0.23 1.14
MN MN W . 35.09 -3.00 -0.23
C ACT X . 44.57 0.14 4.87
O ACT X . 44.84 1.27 4.39
OXT ACT X . 43.88 -0.76 4.30
CH3 ACT X . 45.12 -0.08 6.22
C ACT Y . 24.97 -17.97 4.42
O ACT Y . 26.09 -17.65 4.88
OXT ACT Y . 24.42 -17.24 3.56
CH3 ACT Y . 24.32 -19.22 4.96
CAB 6Y2 Z . 48.28 4.79 11.85
CAC 6Y2 Z . 47.40 3.80 12.36
CAD 6Y2 Z . 47.61 3.20 13.59
CAE 6Y2 Z . 48.72 3.59 14.34
CAF 6Y2 Z . 49.59 4.58 13.85
CAG 6Y2 Z . 49.39 5.17 12.62
CAL 6Y2 Z . 46.86 5.32 10.03
CAO 6Y2 Z . 46.81 6.23 8.86
CAW 6Y2 Z . 45.19 4.64 7.79
CBA 6Y2 Z . 45.48 3.76 8.96
CBK 6Y2 Z . 41.79 0.38 7.90
CBG 6Y2 Z . 41.46 1.84 7.57
OBH 6Y2 Z . 40.53 2.41 8.15
N2 6Y2 Z . 42.23 2.42 6.63
C2 6Y2 Z . 42.07 3.80 6.17
C3 6Y2 Z . 41.51 3.83 4.77
O3 6Y2 Z . 40.25 3.14 4.75
C4 6Y2 Z . 41.43 5.28 4.28
O4 6Y2 Z . 40.56 6.06 5.10
C5 6Y2 Z . 42.88 5.90 4.35
C6 6Y2 Z . 42.81 7.32 3.87
O6 6Y2 Z . 44.15 7.79 3.87
O5 6Y2 Z . 43.31 5.87 5.74
C1 6Y2 Z . 43.41 4.48 6.17
O1 6Y2 Z . 43.78 4.47 7.54
OBB 6Y2 Z . 46.78 4.01 9.50
CBE 6Y2 Z . 45.52 2.31 8.52
OBF 6Y2 Z . 45.29 1.60 9.73
CAS 6Y2 Z . 45.45 6.10 8.18
OAT 6Y2 Z . 45.50 6.89 7.04
NAP 6Y2 Z . 46.93 7.62 9.36
CBI 6Y2 Z . 48.03 8.34 9.15
OBJ 6Y2 Z . 49.03 7.90 8.58
CBL 6Y2 Z . 48.02 9.76 9.72
OAA 6Y2 Z . 48.12 5.43 10.67
NAH 6Y2 Z . 48.94 3.05 15.54
OAJ 6Y2 Z . 48.47 1.65 15.80
OAI 6Y2 Z . 49.63 3.87 16.55
#